data_5QSM
#
_entry.id   5QSM
#
_cell.length_a   155.140
_cell.length_b   168.169
_cell.length_c   46.986
_cell.angle_alpha   90.000
_cell.angle_beta   90.000
_cell.angle_gamma   90.000
#
_symmetry.space_group_name_H-M   'P 21 21 2'
#
loop_
_entity.id
_entity.type
_entity.pdbx_description
1 polymer 'Cohesin subunit SA-1'
2 non-polymer 2-cyclohexyl-N-(4H-1,2,4-triazol-4-yl)acetamide
3 water water
#
_entity_poly.entity_id   1
_entity_poly.type   'polypeptide(L)'
_entity_poly.pdbx_seq_one_letter_code
;SMSPNGNLIRMLVLFFLESELHEHAAYLVDSLWESSQELLKDWECMTELLLEEPVQGEEAMSDRQESALIELMVCTIRQA
AEAHPPVGRGTGKRVLTAKERKTQIDDRNKLTEHFIITLPMLLSKYSADAEKVANLLQIPQYFDLEIYSTGRMEKHLDAL
LKQIKFVVEKHVESDVLEACSKTYSILCSEEYTIQNRVDIARSQLIDEFVDRFNHSVEDLLQEGEEADDDDIYNVLSTLK
RLTSFHNAHDLTKWDLFGNCYRLLKTGIEHGAMPEQIVVQALQCSHYSILWQLVKITDGSPSKEDLLVLRKTVKSFLAVC
QQCLSNVNTPVKEQAFMLLCDLLMIFSHQLMTGGREGLQPLVFNPDTGLQSELLSFVMDHVFIDQDEENQSMEGDEEDEA
NKIEALHKRRNLLAAFSKLIIYDIVDMHAAADIFKHYMKYYNDYGDIIKETLSKTRQID
;
_entity_poly.pdbx_strand_id   A,B
#
# COMPACT_ATOMS: atom_id res chain seq x y z
N MET A 2 41.27 15.60 19.09
CA MET A 2 40.20 16.47 19.67
C MET A 2 40.23 17.89 19.05
N SER A 3 41.02 18.82 19.63
CA SER A 3 41.49 20.05 18.96
C SER A 3 42.81 19.86 18.14
N PRO A 4 43.64 18.83 18.43
CA PRO A 4 44.73 18.49 17.50
C PRO A 4 44.29 18.14 16.07
N ASN A 5 43.30 17.26 15.94
CA ASN A 5 42.65 16.99 14.65
C ASN A 5 41.92 18.18 14.11
N GLY A 6 41.40 19.02 14.99
CA GLY A 6 40.78 20.25 14.56
C GLY A 6 41.69 21.24 13.85
N ASN A 7 42.94 21.35 14.28
CA ASN A 7 43.94 22.15 13.58
C ASN A 7 44.22 21.54 12.23
N LEU A 8 44.49 20.25 12.19
CA LEU A 8 44.84 19.61 10.93
C LEU A 8 43.77 19.78 9.87
N ILE A 9 42.51 19.62 10.26
CA ILE A 9 41.38 19.72 9.33
C ILE A 9 41.13 21.14 8.84
N ARG A 10 41.26 22.12 9.73
CA ARG A 10 41.22 23.54 9.36
C ARG A 10 42.29 23.88 8.33
N MET A 11 43.51 23.37 8.53
CA MET A 11 44.62 23.58 7.59
C MET A 11 44.38 22.77 6.29
N LEU A 12 43.83 21.58 6.40
CA LEU A 12 43.47 20.81 5.21
C LEU A 12 42.41 21.48 4.35
N VAL A 13 41.45 22.15 4.97
CA VAL A 13 40.49 22.99 4.23
C VAL A 13 41.22 24.14 3.57
N LEU A 14 42.23 24.72 4.25
CA LEU A 14 43.03 25.82 3.69
C LEU A 14 43.92 25.40 2.52
N PHE A 15 44.57 24.27 2.65
CA PHE A 15 45.42 23.76 1.57
C PHE A 15 44.60 23.46 0.27
N PHE A 16 43.34 23.04 0.44
CA PHE A 16 42.44 22.75 -0.69
C PHE A 16 42.03 24.01 -1.39
N LEU A 17 41.55 24.98 -0.63
CA LEU A 17 41.09 26.21 -1.23
C LEU A 17 42.24 27.02 -1.81
N GLU A 18 43.27 27.29 -1.00
CA GLU A 18 44.35 28.24 -1.38
C GLU A 18 45.23 27.77 -2.53
N SER A 19 45.49 26.48 -2.61
CA SER A 19 46.28 25.94 -3.71
C SER A 19 45.37 25.34 -4.79
N GLU A 20 45.67 25.61 -6.05
CA GLU A 20 44.97 24.96 -7.14
C GLU A 20 45.72 23.68 -7.50
N LEU A 21 46.27 22.99 -6.49
CA LEU A 21 46.88 21.66 -6.67
C LEU A 21 45.89 20.49 -6.68
N HIS A 22 44.76 20.65 -6.02
CA HIS A 22 43.62 19.75 -6.15
C HIS A 22 42.44 20.60 -6.49
N GLU A 23 41.79 20.29 -7.63
CA GLU A 23 40.62 21.00 -8.11
C GLU A 23 39.34 20.36 -7.58
N HIS A 24 39.37 19.04 -7.48
CA HIS A 24 38.25 18.22 -6.99
C HIS A 24 38.46 17.71 -5.56
N ALA A 25 37.57 18.12 -4.67
CA ALA A 25 37.52 17.66 -3.30
C ALA A 25 37.57 16.14 -3.19
N ALA A 26 36.74 15.44 -3.96
CA ALA A 26 36.71 13.99 -3.98
C ALA A 26 38.07 13.41 -4.33
N TYR A 27 38.81 14.04 -5.24
CA TYR A 27 40.14 13.59 -5.63
C TYR A 27 41.17 13.83 -4.51
N LEU A 28 41.13 14.98 -3.85
CA LEU A 28 41.98 15.32 -2.67
C LEU A 28 41.84 14.29 -1.59
N VAL A 29 40.58 13.98 -1.25
CA VAL A 29 40.25 13.05 -0.19
C VAL A 29 40.75 11.71 -0.60
N ASP A 30 40.40 11.29 -1.82
CA ASP A 30 40.85 10.01 -2.34
C ASP A 30 42.36 9.84 -2.26
N SER A 31 43.10 10.89 -2.64
CA SER A 31 44.56 10.90 -2.69
C SER A 31 45.19 10.72 -1.32
N LEU A 32 44.60 11.37 -0.31
CA LEU A 32 45.06 11.29 1.07
C LEU A 32 44.59 10.03 1.82
N TRP A 33 43.66 9.28 1.23
CA TRP A 33 42.87 8.28 1.95
C TRP A 33 43.67 7.18 2.56
N GLU A 34 44.67 6.69 1.85
CA GLU A 34 45.54 5.65 2.36
C GLU A 34 46.30 6.13 3.62
N SER A 35 46.81 7.34 3.58
CA SER A 35 47.69 7.89 4.64
C SER A 35 46.95 8.52 5.79
N SER A 36 45.81 9.12 5.47
CA SER A 36 45.10 9.96 6.42
C SER A 36 43.62 9.55 6.55
N GLN A 37 43.35 8.26 6.69
CA GLN A 37 41.99 7.76 6.83
C GLN A 37 41.45 8.17 8.20
N GLU A 38 42.23 7.87 9.26
CA GLU A 38 41.83 8.09 10.66
C GLU A 38 41.40 9.52 10.83
N LEU A 39 42.25 10.46 10.38
CA LEU A 39 41.94 11.89 10.41
C LEU A 39 40.69 12.21 9.61
N LEU A 40 40.62 11.74 8.36
CA LEU A 40 39.51 12.07 7.45
C LEU A 40 38.15 11.44 7.84
N LYS A 41 38.15 10.45 8.72
CA LYS A 41 36.92 9.94 9.34
C LYS A 41 36.73 10.37 10.84
N ASP A 42 37.31 11.50 11.27
CA ASP A 42 36.96 12.11 12.55
C ASP A 42 35.78 13.05 12.30
N TRP A 43 34.60 12.44 12.11
CA TRP A 43 33.36 13.13 11.78
C TRP A 43 32.83 13.95 12.96
N GLU A 44 33.07 13.50 14.19
CA GLU A 44 32.73 14.27 15.38
C GLU A 44 33.51 15.60 15.36
N CYS A 45 34.79 15.55 14.98
CA CYS A 45 35.61 16.76 14.85
C CYS A 45 35.04 17.74 13.85
N MET A 46 34.61 17.21 12.70
CA MET A 46 34.10 18.00 11.61
C MET A 46 32.81 18.69 12.01
N THR A 47 31.83 17.91 12.50
CA THR A 47 30.51 18.46 12.85
C THR A 47 30.68 19.47 13.98
N GLU A 48 31.65 19.22 14.85
CA GLU A 48 32.00 20.12 15.94
C GLU A 48 32.50 21.42 15.39
N LEU A 49 33.48 21.35 14.50
CA LEU A 49 34.01 22.55 13.88
C LEU A 49 32.90 23.32 13.23
N LEU A 50 31.94 22.62 12.62
CA LEU A 50 30.84 23.26 11.93
C LEU A 50 29.80 23.84 12.87
N LEU A 51 29.53 23.16 13.96
CA LEU A 51 28.43 23.53 14.82
C LEU A 51 28.80 24.51 15.96
N GLU A 52 30.04 24.42 16.48
CA GLU A 52 30.47 25.24 17.63
C GLU A 52 30.72 26.68 17.28
N GLU A 53 30.66 27.53 18.31
CA GLU A 53 31.01 28.95 18.19
C GLU A 53 32.45 29.16 18.66
N PRO A 54 33.19 30.12 18.06
CA PRO A 54 34.62 30.22 18.35
C PRO A 54 34.95 30.85 19.71
N VAL A 55 36.19 30.69 20.15
CA VAL A 55 36.71 31.30 21.40
C VAL A 55 37.42 32.63 21.06
N GLU A 58 41.70 32.04 19.50
CA GLU A 58 40.37 32.25 18.91
C GLU A 58 40.32 31.88 17.40
N GLU A 59 39.68 32.70 16.55
CA GLU A 59 39.58 32.59 15.04
C GLU A 59 38.35 31.76 14.49
N ALA A 60 37.33 32.47 14.02
CA ALA A 60 36.12 31.86 13.39
C ALA A 60 36.44 31.32 12.00
N MET A 61 35.57 30.42 11.49
CA MET A 61 35.64 29.96 10.10
C MET A 61 34.94 30.93 9.20
N SER A 62 35.48 31.15 7.99
CA SER A 62 34.89 32.03 6.99
C SER A 62 33.93 31.22 6.16
N ASP A 63 32.93 31.86 5.58
CA ASP A 63 31.80 31.15 4.95
C ASP A 63 32.26 30.14 3.88
N ARG A 64 33.28 30.53 3.11
CA ARG A 64 33.88 29.69 2.08
C ARG A 64 34.47 28.42 2.63
N GLN A 65 35.14 28.50 3.78
CA GLN A 65 35.85 27.37 4.38
C GLN A 65 34.90 26.42 5.08
N GLU A 66 33.84 26.97 5.67
CA GLU A 66 32.72 26.15 6.11
C GLU A 66 32.24 25.32 4.88
N SER A 67 31.78 25.95 3.81
CA SER A 67 31.42 25.24 2.54
C SER A 67 32.39 24.16 2.10
N ALA A 68 33.68 24.47 2.17
CA ALA A 68 34.74 23.56 1.78
C ALA A 68 34.84 22.38 2.71
N LEU A 69 34.65 22.64 4.00
CA LEU A 69 34.67 21.61 4.99
C LEU A 69 33.52 20.62 4.74
N ILE A 70 32.30 21.13 4.63
CA ILE A 70 31.12 20.30 4.34
C ILE A 70 31.38 19.44 3.11
N GLU A 71 31.89 20.03 2.04
CA GLU A 71 32.16 19.26 0.81
C GLU A 71 33.18 18.18 1.03
N LEU A 72 34.23 18.49 1.81
CA LEU A 72 35.23 17.50 2.13
C LEU A 72 34.62 16.39 2.97
N MET A 73 33.84 16.77 3.98
CA MET A 73 33.12 15.84 4.86
C MET A 73 32.24 14.85 4.06
N VAL A 74 31.44 15.34 3.13
CA VAL A 74 30.55 14.50 2.31
C VAL A 74 31.38 13.51 1.50
N CYS A 75 32.54 13.95 1.02
CA CYS A 75 33.42 13.12 0.21
C CYS A 75 34.08 12.01 1.03
N THR A 76 34.39 12.30 2.29
CA THR A 76 34.95 11.32 3.20
C THR A 76 33.90 10.27 3.54
N ILE A 77 32.67 10.74 3.76
CA ILE A 77 31.48 9.87 4.03
C ILE A 77 31.23 8.86 2.92
N ARG A 78 31.20 9.33 1.68
CA ARG A 78 31.08 8.46 0.52
C ARG A 78 32.19 7.46 0.55
N GLN A 79 33.44 7.92 0.61
CA GLN A 79 34.54 7.01 0.45
C GLN A 79 34.52 5.99 1.56
N ALA A 80 34.14 6.40 2.76
CA ALA A 80 34.06 5.49 3.87
C ALA A 80 32.97 4.45 3.58
N ALA A 81 31.76 4.91 3.30
CA ALA A 81 30.61 4.03 2.98
C ALA A 81 30.86 3.08 1.81
N GLU A 82 31.42 3.61 0.71
CA GLU A 82 31.55 2.86 -0.55
C GLU A 82 32.78 2.00 -0.58
N ALA A 83 33.85 2.42 0.14
CA ALA A 83 35.09 1.67 0.24
C ALA A 83 35.81 1.48 -1.09
N HIS A 84 35.76 2.51 -1.92
CA HIS A 84 36.40 2.55 -3.23
C HIS A 84 36.61 4.01 -3.59
N PRO A 85 37.59 4.34 -4.47
CA PRO A 85 37.80 5.70 -4.97
C PRO A 85 36.61 6.23 -5.75
N PRO A 86 36.49 7.54 -5.84
CA PRO A 86 35.32 8.11 -6.48
C PRO A 86 35.28 7.91 -7.99
N VAL A 87 34.22 8.38 -8.62
CA VAL A 87 34.05 8.23 -10.06
C VAL A 87 35.19 9.00 -10.73
N GLY A 88 35.88 8.31 -11.63
CA GLY A 88 37.01 8.89 -12.35
C GLY A 88 38.38 8.60 -11.78
N ARG A 89 38.45 7.89 -10.66
CA ARG A 89 39.73 7.44 -10.12
C ARG A 89 39.72 5.94 -9.83
N GLY A 90 38.69 5.19 -10.32
CA GLY A 90 38.52 3.78 -9.98
C GLY A 90 39.54 2.87 -10.63
N THR A 91 39.27 1.57 -10.58
CA THR A 91 39.95 0.59 -11.44
C THR A 91 38.98 -0.54 -11.79
N ARG A 94 39.58 -7.33 -8.32
CA ARG A 94 39.57 -6.50 -7.08
C ARG A 94 38.56 -7.09 -6.10
N VAL A 95 38.97 -7.17 -4.84
CA VAL A 95 38.14 -7.75 -3.76
C VAL A 95 38.47 -6.96 -2.50
N LEU A 96 37.49 -6.73 -1.65
CA LEU A 96 37.78 -6.05 -0.38
C LEU A 96 38.38 -7.10 0.53
N THR A 97 39.45 -6.78 1.22
CA THR A 97 39.98 -7.74 2.16
C THR A 97 39.06 -7.84 3.38
N ALA A 98 39.19 -8.90 4.15
CA ALA A 98 38.37 -9.11 5.35
C ALA A 98 38.29 -7.84 6.19
N LYS A 99 39.48 -7.30 6.52
CA LYS A 99 39.63 -6.13 7.38
C LYS A 99 39.07 -4.86 6.74
N GLU A 100 39.26 -4.69 5.43
CA GLU A 100 38.70 -3.56 4.70
C GLU A 100 37.17 -3.64 4.75
N ARG A 101 36.61 -4.83 4.61
CA ARG A 101 35.15 -5.03 4.63
C ARG A 101 34.61 -4.68 6.03
N LYS A 102 35.19 -5.30 7.04
CA LYS A 102 34.97 -5.03 8.47
C LYS A 102 35.00 -3.53 8.81
N THR A 103 36.02 -2.82 8.30
CA THR A 103 36.17 -1.39 8.49
C THR A 103 35.03 -0.64 7.85
N GLN A 104 34.65 -1.04 6.63
CA GLN A 104 33.49 -0.50 5.92
C GLN A 104 32.19 -0.63 6.70
N ILE A 105 31.94 -1.80 7.28
CA ILE A 105 30.74 -2.02 8.08
C ILE A 105 30.81 -1.11 9.31
N ASP A 106 32.00 -1.06 9.95
CA ASP A 106 32.22 -0.25 11.16
C ASP A 106 32.04 1.22 10.87
N ASP A 107 32.61 1.69 9.76
CA ASP A 107 32.52 3.08 9.34
C ASP A 107 31.08 3.42 9.05
N ARG A 108 30.38 2.58 8.27
CA ARG A 108 28.98 2.80 7.97
C ARG A 108 28.16 2.97 9.23
N ASN A 109 28.39 2.11 10.21
CA ASN A 109 27.70 2.21 11.50
C ASN A 109 27.96 3.55 12.20
N LYS A 110 29.23 3.99 12.20
CA LYS A 110 29.68 5.20 12.91
C LYS A 110 29.07 6.45 12.32
N LEU A 111 29.16 6.56 11.01
CA LEU A 111 28.69 7.71 10.30
C LEU A 111 27.18 7.79 10.34
N THR A 112 26.51 6.65 10.40
CA THR A 112 25.06 6.62 10.46
C THR A 112 24.60 7.09 11.79
N GLU A 113 25.10 6.45 12.85
CA GLU A 113 24.72 6.84 14.21
C GLU A 113 25.02 8.29 14.33
N HIS A 114 26.22 8.71 13.89
CA HIS A 114 26.64 10.07 14.06
C HIS A 114 25.75 10.99 13.28
N PHE A 115 25.59 10.74 12.00
CA PHE A 115 24.96 11.71 11.16
C PHE A 115 23.46 11.76 11.33
N ILE A 116 22.82 10.63 11.69
CA ILE A 116 21.39 10.60 12.09
C ILE A 116 21.13 11.71 13.11
N ILE A 117 22.01 11.77 14.14
CA ILE A 117 21.96 12.69 15.28
C ILE A 117 22.36 14.09 14.87
N THR A 118 23.46 14.20 14.12
CA THR A 118 24.13 15.46 13.77
C THR A 118 23.67 16.11 12.47
N LEU A 119 23.12 15.34 11.51
CA LEU A 119 22.66 15.91 10.21
C LEU A 119 21.44 16.83 10.34
N PRO A 120 20.52 16.52 11.25
CA PRO A 120 19.43 17.45 11.52
C PRO A 120 19.89 18.79 12.09
N MET A 121 21.01 18.80 12.83
CA MET A 121 21.53 19.99 13.50
C MET A 121 22.24 20.84 12.47
N LEU A 122 23.03 20.19 11.63
CA LEU A 122 23.77 20.81 10.53
C LEU A 122 22.81 21.50 9.60
N LEU A 123 21.75 20.78 9.20
CA LEU A 123 20.72 21.33 8.36
C LEU A 123 20.01 22.50 8.99
N SER A 124 19.85 22.48 10.30
CA SER A 124 19.19 23.54 11.00
C SER A 124 20.01 24.83 10.87
N LYS A 125 21.30 24.76 11.21
CA LYS A 125 22.23 25.91 11.26
C LYS A 125 22.47 26.54 9.89
N TYR A 126 22.66 25.70 8.88
CA TYR A 126 22.93 26.14 7.52
C TYR A 126 21.70 26.07 6.61
N SER A 127 20.50 26.17 7.19
CA SER A 127 19.23 25.94 6.48
C SER A 127 19.00 26.82 5.26
N ALA A 128 19.54 28.04 5.26
CA ALA A 128 19.36 28.97 4.12
C ALA A 128 20.49 28.96 3.03
N ASP A 129 21.58 28.28 3.30
CA ASP A 129 22.70 28.18 2.37
C ASP A 129 22.47 27.00 1.42
N ALA A 130 21.86 27.28 0.27
CA ALA A 130 21.42 26.25 -0.68
C ALA A 130 22.50 25.25 -1.10
N GLU A 131 23.70 25.77 -1.39
CA GLU A 131 24.81 24.94 -1.82
C GLU A 131 25.25 24.04 -0.70
N LYS A 132 25.29 24.57 0.53
CA LYS A 132 25.59 23.76 1.71
C LYS A 132 24.51 22.70 2.00
N VAL A 133 23.23 23.08 1.93
CA VAL A 133 22.11 22.17 2.24
C VAL A 133 22.07 21.03 1.26
N ALA A 134 22.12 21.38 -0.02
CA ALA A 134 22.20 20.42 -1.08
C ALA A 134 23.35 19.43 -0.91
N ASN A 135 24.48 19.91 -0.39
CA ASN A 135 25.65 19.08 -0.13
C ASN A 135 25.44 18.17 1.08
N LEU A 136 24.81 18.69 2.12
CA LEU A 136 24.53 17.93 3.33
C LEU A 136 23.52 16.80 3.06
N LEU A 137 22.53 17.03 2.18
CA LEU A 137 21.48 16.04 1.85
C LEU A 137 21.92 14.93 0.94
N GLN A 138 23.18 14.97 0.51
CA GLN A 138 23.81 13.84 -0.14
C GLN A 138 24.18 12.81 0.88
N ILE A 139 24.02 13.08 2.19
CA ILE A 139 24.52 12.22 3.24
C ILE A 139 23.64 10.97 3.51
N PRO A 140 22.29 11.11 3.63
CA PRO A 140 21.41 9.98 3.97
C PRO A 140 21.50 8.77 3.06
N GLN A 141 21.78 8.99 1.79
CA GLN A 141 21.98 7.89 0.85
C GLN A 141 23.00 6.86 1.33
N TYR A 142 23.95 7.29 2.18
CA TYR A 142 24.97 6.43 2.77
C TYR A 142 24.57 5.85 4.11
N PHE A 143 23.46 6.27 4.70
CA PHE A 143 23.11 5.72 6.03
C PHE A 143 22.73 4.26 5.95
N ASP A 144 22.76 3.62 7.11
CA ASP A 144 22.30 2.23 7.36
C ASP A 144 20.91 2.41 7.97
N LEU A 145 19.96 2.82 7.14
CA LEU A 145 18.58 3.18 7.50
C LEU A 145 17.98 2.30 8.60
N GLU A 146 18.28 1.01 8.62
CA GLU A 146 17.70 0.15 9.67
C GLU A 146 17.98 0.68 11.10
N ILE A 147 19.05 1.46 11.25
CA ILE A 147 19.41 2.07 12.54
C ILE A 147 18.40 3.11 13.03
N TYR A 148 17.50 3.57 12.16
CA TYR A 148 16.42 4.39 12.65
C TYR A 148 15.47 3.63 13.59
N SER A 149 15.41 2.32 13.48
CA SER A 149 14.71 1.43 14.45
C SER A 149 15.63 0.93 15.58
N THR A 150 16.61 0.11 15.24
CA THR A 150 17.66 -0.37 16.19
C THR A 150 18.07 0.59 17.35
N GLY A 151 18.33 1.85 17.06
CA GLY A 151 18.83 2.81 18.07
C GLY A 151 17.76 3.49 18.90
N ARG A 152 16.48 3.12 18.65
CA ARG A 152 15.30 3.80 19.20
C ARG A 152 15.40 5.26 18.84
N MET A 153 15.82 5.47 17.57
CA MET A 153 16.26 6.77 17.08
C MET A 153 15.16 7.53 16.36
N GLU A 154 13.93 7.03 16.52
CA GLU A 154 12.77 7.59 15.89
C GLU A 154 12.70 9.10 16.12
N LYS A 155 13.18 9.58 17.27
CA LYS A 155 13.17 11.00 17.57
C LYS A 155 13.97 11.82 16.55
N HIS A 156 15.06 11.27 16.03
CA HIS A 156 15.93 11.97 15.07
C HIS A 156 15.49 11.85 13.60
N LEU A 157 14.70 10.83 13.27
CA LEU A 157 14.07 10.73 11.97
C LEU A 157 13.01 11.79 11.88
N ASP A 158 12.22 11.95 12.93
CA ASP A 158 11.32 13.07 13.04
C ASP A 158 12.10 14.35 12.82
N ALA A 159 13.26 14.45 13.47
CA ALA A 159 14.08 15.67 13.43
C ALA A 159 14.56 16.00 12.00
N LEU A 160 15.12 15.01 11.34
CA LEU A 160 15.54 15.15 9.95
C LEU A 160 14.40 15.66 9.08
N LEU A 161 13.24 14.97 9.14
CA LEU A 161 12.03 15.28 8.36
C LEU A 161 11.51 16.66 8.64
N LYS A 162 11.68 17.12 9.88
CA LYS A 162 11.32 18.47 10.25
C LYS A 162 12.20 19.43 9.45
N GLN A 163 13.49 19.16 9.36
CA GLN A 163 14.44 20.05 8.67
C GLN A 163 14.28 19.99 7.18
N ILE A 164 14.00 18.81 6.65
CA ILE A 164 13.78 18.66 5.22
C ILE A 164 12.55 19.45 4.83
N LYS A 165 11.51 19.38 5.65
CA LYS A 165 10.37 20.26 5.48
C LYS A 165 10.80 21.74 5.46
N PHE A 166 11.60 22.21 6.45
CA PHE A 166 12.02 23.61 6.50
C PHE A 166 12.79 24.01 5.27
N VAL A 167 13.62 23.14 4.78
CA VAL A 167 14.42 23.42 3.59
C VAL A 167 13.54 23.67 2.37
N VAL A 168 12.65 22.70 2.04
CA VAL A 168 11.76 22.77 0.87
C VAL A 168 10.85 23.97 0.96
N GLU A 169 10.42 24.28 2.19
CA GLU A 169 9.55 25.41 2.44
C GLU A 169 10.27 26.72 2.23
N LYS A 170 11.57 26.79 2.55
CA LYS A 170 12.41 28.02 2.39
C LYS A 170 13.04 28.18 1.00
N HIS A 171 13.16 27.10 0.23
CA HIS A 171 13.93 27.09 -1.03
C HIS A 171 13.19 26.80 -2.37
N VAL A 172 13.78 27.31 -3.46
CA VAL A 172 13.30 27.11 -4.84
C VAL A 172 14.38 26.60 -5.81
N GLU A 173 15.64 26.51 -5.38
CA GLU A 173 16.76 26.12 -6.27
C GLU A 173 16.54 24.68 -6.64
N SER A 174 16.84 24.34 -7.88
CA SER A 174 16.52 23.00 -8.35
C SER A 174 17.41 21.96 -7.71
N ASP A 175 18.65 22.34 -7.36
CA ASP A 175 19.52 21.44 -6.61
C ASP A 175 18.96 21.08 -5.22
N VAL A 176 18.58 22.09 -4.47
CA VAL A 176 18.08 21.92 -3.12
C VAL A 176 16.87 20.96 -3.18
N LEU A 177 15.90 21.32 -4.03
CA LEU A 177 14.62 20.60 -4.12
C LEU A 177 14.81 19.17 -4.53
N GLU A 178 15.62 18.96 -5.55
CA GLU A 178 15.93 17.62 -6.00
C GLU A 178 16.63 16.81 -4.90
N ALA A 179 17.48 17.48 -4.12
CA ALA A 179 18.18 16.84 -3.01
C ALA A 179 17.18 16.37 -1.97
N CYS A 180 16.19 17.20 -1.68
CA CYS A 180 15.11 16.84 -0.76
C CYS A 180 14.28 15.64 -1.24
N SER A 181 13.80 15.71 -2.49
CA SER A 181 13.03 14.63 -3.13
C SER A 181 13.73 13.29 -3.02
N LYS A 182 14.96 13.23 -3.54
CA LYS A 182 15.77 12.03 -3.41
C LYS A 182 15.95 11.53 -1.97
N THR A 183 16.01 12.46 -1.01
CA THR A 183 16.15 12.09 0.38
C THR A 183 14.88 11.40 0.90
N TYR A 184 13.73 12.00 0.60
CA TYR A 184 12.47 11.35 1.03
C TYR A 184 12.49 9.95 0.42
N SER A 185 12.90 9.86 -0.83
CA SER A 185 12.98 8.60 -1.61
C SER A 185 13.76 7.54 -0.83
N ILE A 186 14.94 7.90 -0.36
CA ILE A 186 15.83 6.98 0.38
C ILE A 186 15.20 6.62 1.72
N LEU A 187 14.60 7.57 2.42
CA LEU A 187 14.05 7.22 3.75
C LEU A 187 12.80 6.37 3.59
N CYS A 188 12.06 6.58 2.51
CA CYS A 188 10.78 5.89 2.25
C CYS A 188 10.96 4.40 1.97
N SER A 189 11.32 4.09 0.74
CA SER A 189 11.33 2.70 0.20
C SER A 189 12.39 1.76 0.76
N GLU A 190 13.32 2.21 1.61
CA GLU A 190 14.39 1.23 1.94
C GLU A 190 14.37 0.68 3.37
N GLU A 191 13.19 0.59 4.01
CA GLU A 191 12.96 -0.01 5.37
C GLU A 191 11.46 0.03 5.69
N TYR A 192 10.79 -1.08 5.99
CA TYR A 192 9.32 -0.97 6.19
C TYR A 192 8.96 -0.24 7.50
N THR A 193 9.78 -0.48 8.51
CA THR A 193 9.67 0.08 9.84
C THR A 193 9.38 1.58 9.76
N ILE A 194 10.27 2.31 9.07
CA ILE A 194 10.17 3.76 8.92
C ILE A 194 9.32 4.21 7.74
N GLN A 195 9.04 3.32 6.78
CA GLN A 195 8.31 3.67 5.56
C GLN A 195 7.01 4.35 5.87
N ASN A 196 6.22 3.77 6.78
CA ASN A 196 4.93 4.34 7.13
C ASN A 196 5.07 5.78 7.68
N ARG A 197 6.13 6.04 8.47
CA ARG A 197 6.33 7.36 9.08
C ARG A 197 6.71 8.40 8.05
N VAL A 198 7.60 8.04 7.15
CA VAL A 198 8.11 8.99 6.16
C VAL A 198 7.03 9.33 5.15
N ASP A 199 6.29 8.29 4.74
CA ASP A 199 5.20 8.43 3.75
C ASP A 199 4.19 9.41 4.31
N ILE A 200 3.93 9.33 5.60
CA ILE A 200 2.94 10.23 6.26
C ILE A 200 3.45 11.66 6.21
N ALA A 201 4.74 11.86 6.44
CA ALA A 201 5.34 13.21 6.43
C ALA A 201 5.48 13.70 5.00
N ARG A 202 5.84 12.81 4.09
CA ARG A 202 6.03 13.22 2.69
C ARG A 202 4.67 13.55 2.07
N SER A 203 3.65 12.75 2.35
CA SER A 203 2.33 12.99 1.74
C SER A 203 1.70 14.25 2.34
N GLN A 204 1.98 14.54 3.60
CA GLN A 204 1.44 15.76 4.23
C GLN A 204 2.14 16.96 3.63
N LEU A 205 3.44 16.84 3.31
CA LEU A 205 4.19 17.95 2.72
C LEU A 205 3.55 18.31 1.39
N ILE A 206 3.47 17.33 0.49
CA ILE A 206 2.89 17.47 -0.84
C ILE A 206 1.56 18.18 -0.77
N ASP A 207 0.64 17.66 0.05
CA ASP A 207 -0.70 18.21 0.26
C ASP A 207 -0.66 19.70 0.46
N GLU A 208 0.22 20.18 1.36
CA GLU A 208 0.29 21.59 1.72
C GLU A 208 0.67 22.43 0.53
N PHE A 209 1.51 21.87 -0.35
CA PHE A 209 1.96 22.52 -1.58
C PHE A 209 0.98 22.41 -2.73
N VAL A 210 0.30 21.26 -2.86
CA VAL A 210 -0.75 21.10 -3.86
C VAL A 210 -1.87 22.08 -3.61
N ASP A 211 -2.25 22.27 -2.35
CA ASP A 211 -3.27 23.25 -2.00
C ASP A 211 -2.79 24.64 -2.34
N ARG A 212 -1.56 25.00 -1.92
CA ARG A 212 -0.99 26.31 -2.22
C ARG A 212 -0.91 26.53 -3.74
N PHE A 213 -0.38 25.56 -4.46
CA PHE A 213 -0.32 25.59 -5.94
C PHE A 213 -1.69 25.87 -6.58
N ASN A 214 -2.70 25.11 -6.16
CA ASN A 214 -4.05 25.12 -6.75
C ASN A 214 -4.70 26.43 -6.48
N HIS A 215 -4.58 26.91 -5.24
CA HIS A 215 -5.11 28.21 -4.88
C HIS A 215 -4.41 29.26 -5.75
N SER A 216 -3.09 29.15 -5.90
CA SER A 216 -2.28 30.08 -6.68
C SER A 216 -2.54 30.00 -8.18
N VAL A 217 -2.83 28.81 -8.67
CA VAL A 217 -3.19 28.60 -10.07
C VAL A 217 -4.43 29.37 -10.34
N GLU A 218 -5.41 29.22 -9.46
CA GLU A 218 -6.66 29.89 -9.61
C GLU A 218 -6.49 31.38 -9.49
N ASP A 219 -5.61 31.85 -8.59
CA ASP A 219 -5.35 33.28 -8.44
C ASP A 219 -4.88 33.90 -9.77
N LEU A 220 -3.87 33.31 -10.35
CA LEU A 220 -3.25 33.75 -11.60
C LEU A 220 -4.25 33.80 -12.77
N LEU A 221 -5.00 32.72 -12.99
CA LEU A 221 -5.87 32.53 -14.17
C LEU A 221 -7.12 33.38 -14.12
N GLN A 222 -7.73 33.49 -12.94
CA GLN A 222 -8.90 34.33 -12.76
C GLN A 222 -8.46 35.79 -12.98
N GLU A 223 -7.27 36.16 -12.48
CA GLU A 223 -6.55 37.38 -12.88
C GLU A 223 -5.89 37.06 -14.22
N GLU A 226 -3.92 41.80 -16.20
CA GLU A 226 -3.56 42.20 -14.84
C GLU A 226 -3.37 40.96 -13.99
N ALA A 227 -2.11 40.58 -13.83
CA ALA A 227 -1.72 39.52 -12.90
C ALA A 227 -0.49 39.98 -12.10
N ASP A 228 -0.52 39.75 -10.80
CA ASP A 228 0.45 40.32 -9.85
C ASP A 228 1.82 39.62 -9.99
N ASP A 229 2.90 40.25 -9.51
CA ASP A 229 4.20 39.58 -9.32
C ASP A 229 4.10 38.48 -8.27
N ASP A 230 3.39 38.74 -7.17
CA ASP A 230 3.05 37.74 -6.15
C ASP A 230 2.42 36.51 -6.79
N ASP A 231 1.36 36.73 -7.58
CA ASP A 231 0.56 35.69 -8.25
C ASP A 231 1.49 34.78 -9.02
N ILE A 232 2.40 35.40 -9.78
CA ILE A 232 3.40 34.72 -10.59
C ILE A 232 4.42 33.97 -9.72
N TYR A 233 4.90 34.59 -8.64
CA TYR A 233 5.88 33.96 -7.73
C TYR A 233 5.26 32.77 -6.99
N ASN A 234 3.99 32.88 -6.62
CA ASN A 234 3.27 31.83 -5.90
C ASN A 234 3.08 30.61 -6.77
N VAL A 235 2.72 30.81 -8.04
CA VAL A 235 2.44 29.72 -8.99
C VAL A 235 3.74 28.99 -9.26
N LEU A 236 4.76 29.77 -9.62
CA LEU A 236 6.06 29.22 -9.97
C LEU A 236 6.72 28.54 -8.81
N SER A 237 6.77 29.23 -7.67
CA SER A 237 7.48 28.78 -6.49
C SER A 237 6.97 27.43 -6.08
N THR A 238 5.65 27.31 -5.96
CA THR A 238 4.98 26.06 -5.56
C THR A 238 5.12 24.95 -6.59
N LEU A 239 4.88 25.30 -7.86
CA LEU A 239 5.02 24.37 -8.98
C LEU A 239 6.42 23.77 -8.99
N LYS A 240 7.45 24.60 -8.86
CA LYS A 240 8.87 24.15 -8.83
C LYS A 240 9.03 23.00 -7.83
N ARG A 241 8.55 23.18 -6.62
CA ARG A 241 8.62 22.16 -5.57
C ARG A 241 7.97 20.86 -6.02
N LEU A 242 6.78 20.96 -6.59
CA LEU A 242 6.02 19.78 -7.01
C LEU A 242 6.66 19.06 -8.19
N THR A 243 7.13 19.82 -9.17
CA THR A 243 7.80 19.26 -10.32
C THR A 243 9.05 18.51 -9.92
N SER A 244 9.84 19.10 -9.00
CA SER A 244 11.05 18.49 -8.48
C SER A 244 10.69 17.11 -7.98
N PHE A 245 9.75 17.05 -7.06
CA PHE A 245 9.33 15.79 -6.48
C PHE A 245 8.69 14.80 -7.48
N HIS A 246 7.98 15.31 -8.49
CA HIS A 246 7.14 14.46 -9.35
C HIS A 246 7.92 13.49 -10.23
N ASN A 247 9.23 13.74 -10.36
CA ASN A 247 10.10 12.80 -11.02
C ASN A 247 10.24 11.49 -10.30
N ALA A 248 10.52 11.53 -9.00
CA ALA A 248 10.76 10.30 -8.23
C ALA A 248 9.60 9.89 -7.33
N HIS A 249 8.55 10.69 -7.28
CA HIS A 249 7.36 10.41 -6.48
C HIS A 249 6.09 10.48 -7.34
N ASP A 250 5.20 9.49 -7.20
CA ASP A 250 4.01 9.38 -8.07
C ASP A 250 2.91 10.27 -7.53
N LEU A 251 2.87 11.48 -8.01
CA LEU A 251 1.87 12.40 -7.51
C LEU A 251 0.56 12.41 -8.32
N THR A 252 0.20 11.31 -8.99
CA THR A 252 -0.96 11.30 -9.90
C THR A 252 -2.30 11.44 -9.18
N LYS A 253 -2.38 11.06 -7.89
CA LYS A 253 -3.62 11.13 -7.08
C LYS A 253 -4.10 12.57 -6.91
N TRP A 254 -3.15 13.50 -6.94
CA TRP A 254 -3.40 14.90 -7.07
C TRP A 254 -3.39 15.15 -8.59
N ASP A 255 -4.51 15.53 -9.18
CA ASP A 255 -4.57 15.69 -10.64
C ASP A 255 -3.78 16.97 -10.99
N LEU A 256 -2.45 16.89 -11.05
CA LEU A 256 -1.60 18.04 -11.37
C LEU A 256 -1.61 18.37 -12.85
N PHE A 257 -1.71 17.35 -13.70
CA PHE A 257 -1.77 17.57 -15.15
C PHE A 257 -2.84 18.57 -15.54
N GLY A 258 -3.94 18.65 -14.81
CA GLY A 258 -4.99 19.59 -15.22
C GLY A 258 -4.59 21.04 -15.09
N ASN A 259 -4.01 21.43 -13.97
CA ASN A 259 -3.66 22.85 -13.72
C ASN A 259 -2.42 23.25 -14.49
N CYS A 260 -1.58 22.29 -14.84
CA CYS A 260 -0.37 22.64 -15.62
C CYS A 260 -0.82 22.88 -17.05
N TYR A 261 -1.83 22.14 -17.47
CA TYR A 261 -2.41 22.24 -18.82
C TYR A 261 -3.12 23.59 -18.98
N ARG A 262 -3.71 24.09 -17.89
CA ARG A 262 -4.41 25.39 -17.95
C ARG A 262 -3.39 26.51 -18.08
N LEU A 263 -2.29 26.40 -17.36
CA LEU A 263 -1.23 27.44 -17.41
C LEU A 263 -0.58 27.42 -18.79
N LEU A 264 -0.44 26.24 -19.40
CA LEU A 264 0.21 26.16 -20.72
C LEU A 264 -0.74 26.59 -21.82
N LYS A 265 -2.04 26.28 -21.69
CA LYS A 265 -3.02 26.68 -22.73
C LYS A 265 -3.24 28.18 -22.63
N THR A 266 -3.28 28.72 -21.42
CA THR A 266 -3.45 30.18 -21.25
C THR A 266 -2.26 30.88 -21.86
N GLY A 267 -1.08 30.32 -21.63
CA GLY A 267 0.13 30.90 -22.20
C GLY A 267 0.15 30.88 -23.72
N ILE A 268 -0.41 29.83 -24.32
CA ILE A 268 -0.53 29.75 -25.77
C ILE A 268 -1.59 30.74 -26.25
N GLU A 269 -2.77 30.74 -25.64
CA GLU A 269 -3.85 31.60 -26.10
C GLU A 269 -3.39 33.05 -26.02
N HIS A 270 -3.17 33.53 -24.80
CA HIS A 270 -2.96 34.94 -24.55
C HIS A 270 -1.48 35.31 -24.62
N GLY A 271 -0.62 34.33 -24.82
CA GLY A 271 0.80 34.59 -25.11
C GLY A 271 1.70 35.05 -23.94
N ALA A 272 1.15 35.26 -22.75
CA ALA A 272 1.80 36.10 -21.72
C ALA A 272 2.11 35.39 -20.42
N MET A 273 2.50 34.14 -20.54
CA MET A 273 2.81 33.32 -19.38
C MET A 273 4.34 33.31 -19.21
N PRO A 274 4.86 33.64 -18.00
CA PRO A 274 6.32 33.68 -17.79
C PRO A 274 7.02 32.38 -18.13
N GLU A 275 8.20 32.51 -18.75
CA GLU A 275 8.90 31.39 -19.31
C GLU A 275 9.16 30.28 -18.30
N GLN A 276 9.49 30.61 -17.06
CA GLN A 276 9.78 29.59 -16.08
C GLN A 276 8.52 28.82 -15.68
N ILE A 277 7.39 29.48 -15.54
CA ILE A 277 6.10 28.79 -15.30
C ILE A 277 5.80 27.81 -16.41
N VAL A 278 6.03 28.23 -17.65
CA VAL A 278 5.77 27.38 -18.81
C VAL A 278 6.69 26.17 -18.83
N VAL A 279 7.99 26.40 -18.57
CA VAL A 279 8.97 25.34 -18.60
C VAL A 279 8.66 24.31 -17.55
N GLN A 280 8.31 24.75 -16.35
CA GLN A 280 8.00 23.84 -15.23
C GLN A 280 6.68 23.10 -15.48
N ALA A 281 5.65 23.84 -15.85
CA ALA A 281 4.37 23.25 -16.24
C ALA A 281 4.52 22.13 -17.29
N LEU A 282 5.39 22.36 -18.28
CA LEU A 282 5.71 21.31 -19.26
C LEU A 282 6.36 20.11 -18.60
N GLN A 283 7.39 20.35 -17.79
CA GLN A 283 8.13 19.29 -17.16
C GLN A 283 7.24 18.47 -16.21
N CYS A 284 6.34 19.13 -15.50
CA CYS A 284 5.43 18.50 -14.54
C CYS A 284 4.39 17.59 -15.24
N SER A 285 3.66 18.16 -16.18
CA SER A 285 2.77 17.40 -17.08
C SER A 285 3.43 16.15 -17.66
N HIS A 286 4.68 16.29 -18.10
CA HIS A 286 5.44 15.20 -18.67
C HIS A 286 5.60 14.12 -17.64
N TYR A 287 6.01 14.51 -16.43
CA TYR A 287 6.20 13.56 -15.36
C TYR A 287 4.89 12.85 -14.97
N SER A 288 3.78 13.57 -14.93
CA SER A 288 2.40 13.01 -14.72
C SER A 288 2.10 11.93 -15.78
N ILE A 289 2.45 12.22 -17.03
CA ILE A 289 2.18 11.33 -18.15
C ILE A 289 2.94 10.03 -18.04
N LEU A 290 4.23 10.12 -17.71
CA LEU A 290 5.08 8.93 -17.58
C LEU A 290 4.64 7.99 -16.45
N TRP A 291 4.15 8.59 -15.39
CA TRP A 291 3.59 7.89 -14.25
C TRP A 291 2.21 7.33 -14.62
N GLN A 292 1.43 8.03 -15.42
CA GLN A 292 0.18 7.46 -15.90
C GLN A 292 0.48 6.23 -16.71
N LEU A 293 1.54 6.28 -17.50
CA LEU A 293 1.94 5.15 -18.34
C LEU A 293 2.34 3.93 -17.54
N VAL A 294 3.17 4.18 -16.52
CA VAL A 294 3.65 3.13 -15.64
C VAL A 294 2.51 2.35 -14.97
N LYS A 295 1.51 3.05 -14.46
CA LYS A 295 0.31 2.42 -13.88
C LYS A 295 -0.44 1.57 -14.92
N ILE A 296 -0.50 2.07 -16.15
CA ILE A 296 -1.17 1.36 -17.25
C ILE A 296 -0.40 0.16 -17.77
N THR A 297 0.93 0.23 -17.89
CA THR A 297 1.73 -0.93 -18.30
C THR A 297 1.56 -2.06 -17.33
N ASP A 298 1.73 -1.74 -16.04
CA ASP A 298 1.85 -2.70 -14.95
C ASP A 298 0.48 -3.31 -14.56
N GLY A 299 -0.55 -2.50 -14.49
CA GLY A 299 -1.94 -3.02 -14.36
C GLY A 299 -2.40 -3.80 -15.58
N SER A 300 -3.64 -4.31 -15.54
CA SER A 300 -4.32 -4.85 -16.73
C SER A 300 -5.39 -3.86 -17.12
N PRO A 301 -5.05 -2.91 -18.01
CA PRO A 301 -5.94 -1.81 -18.28
C PRO A 301 -7.04 -2.20 -19.26
N SER A 302 -8.16 -1.53 -19.14
CA SER A 302 -9.30 -1.76 -20.03
C SER A 302 -9.10 -0.98 -21.30
N LYS A 303 -10.11 -1.06 -22.17
CA LYS A 303 -10.13 -0.27 -23.37
C LYS A 303 -10.21 1.22 -23.04
N GLU A 304 -11.08 1.58 -22.09
CA GLU A 304 -11.35 2.98 -21.78
C GLU A 304 -10.20 3.66 -21.02
N ASP A 305 -9.43 2.90 -20.27
CA ASP A 305 -8.20 3.39 -19.60
C ASP A 305 -7.21 3.93 -20.63
N LEU A 306 -6.93 3.08 -21.61
CA LEU A 306 -6.08 3.40 -22.75
C LEU A 306 -6.60 4.61 -23.49
N LEU A 307 -7.88 4.61 -23.78
CA LEU A 307 -8.48 5.71 -24.51
C LEU A 307 -8.51 7.01 -23.73
N VAL A 308 -8.56 6.98 -22.40
CA VAL A 308 -8.44 8.21 -21.60
C VAL A 308 -6.99 8.69 -21.54
N LEU A 309 -6.04 7.79 -21.37
CA LEU A 309 -4.61 8.17 -21.43
C LEU A 309 -4.23 8.71 -22.79
N ARG A 310 -4.76 8.12 -23.88
CA ARG A 310 -4.46 8.59 -25.23
C ARG A 310 -4.86 10.04 -25.41
N LYS A 311 -6.10 10.35 -25.07
CA LYS A 311 -6.58 11.71 -25.23
C LYS A 311 -5.70 12.72 -24.46
N THR A 312 -5.23 12.32 -23.28
CA THR A 312 -4.29 13.11 -22.46
C THR A 312 -3.01 13.39 -23.25
N VAL A 313 -2.43 12.32 -23.77
CA VAL A 313 -1.15 12.40 -24.49
C VAL A 313 -1.31 13.20 -25.75
N LYS A 314 -2.37 12.95 -26.54
CA LYS A 314 -2.57 13.72 -27.77
C LYS A 314 -2.73 15.21 -27.43
N SER A 315 -3.49 15.50 -26.39
CA SER A 315 -3.67 16.89 -25.99
C SER A 315 -2.36 17.54 -25.48
N PHE A 316 -1.45 16.76 -24.89
CA PHE A 316 -0.15 17.29 -24.43
C PHE A 316 0.92 17.41 -25.55
N LEU A 317 0.91 16.52 -26.53
CA LEU A 317 1.80 16.62 -27.70
C LEU A 317 1.43 17.79 -28.56
N ALA A 318 0.13 18.03 -28.66
CA ALA A 318 -0.36 19.26 -29.24
C ALA A 318 0.23 20.51 -28.53
N VAL A 319 0.22 20.51 -27.20
CA VAL A 319 0.76 21.62 -26.39
C VAL A 319 2.26 21.87 -26.61
N CYS A 320 3.04 20.80 -26.63
CA CYS A 320 4.50 20.91 -26.81
C CYS A 320 4.83 21.41 -28.22
N GLN A 321 4.06 20.96 -29.21
CA GLN A 321 4.17 21.50 -30.56
C GLN A 321 3.94 22.99 -30.55
N GLN A 322 2.80 23.39 -30.02
CA GLN A 322 2.47 24.79 -30.00
C GLN A 322 3.55 25.64 -29.27
N CYS A 323 4.13 25.06 -28.22
CA CYS A 323 5.22 25.67 -27.43
C CYS A 323 6.57 25.79 -28.14
N LEU A 324 6.73 25.11 -29.27
CA LEU A 324 7.87 25.41 -30.14
C LEU A 324 7.83 26.81 -30.63
N SER A 325 6.64 27.36 -30.76
CA SER A 325 6.51 28.72 -31.23
C SER A 325 6.56 29.78 -30.13
N ASN A 326 6.88 29.43 -28.87
CA ASN A 326 7.01 30.39 -27.75
C ASN A 326 8.29 31.23 -27.96
N VAL A 327 8.22 32.54 -27.75
CA VAL A 327 9.40 33.45 -27.97
C VAL A 327 10.65 33.08 -27.16
N ASN A 328 10.43 32.54 -25.97
CA ASN A 328 11.53 32.27 -25.04
C ASN A 328 12.17 30.98 -25.48
N THR A 329 13.47 31.02 -25.73
CA THR A 329 14.13 29.84 -26.26
C THR A 329 14.28 28.70 -25.22
N PRO A 330 14.21 29.01 -23.91
CA PRO A 330 14.18 27.87 -22.98
C PRO A 330 12.88 27.03 -23.06
N VAL A 331 11.79 27.66 -23.44
CA VAL A 331 10.51 26.98 -23.62
C VAL A 331 10.67 26.03 -24.77
N LYS A 332 11.19 26.55 -25.90
CA LYS A 332 11.42 25.77 -27.12
C LYS A 332 12.24 24.55 -26.87
N GLU A 333 13.36 24.75 -26.19
CA GLU A 333 14.23 23.67 -25.85
C GLU A 333 13.51 22.61 -25.00
N GLN A 334 12.72 23.04 -24.03
CA GLN A 334 11.99 22.11 -23.18
C GLN A 334 10.94 21.36 -24.03
N ALA A 335 10.09 22.14 -24.69
CA ALA A 335 9.09 21.60 -25.62
C ALA A 335 9.72 20.62 -26.59
N PHE A 336 10.88 20.99 -27.15
CA PHE A 336 11.58 20.10 -28.05
C PHE A 336 11.99 18.87 -27.30
N MET A 337 12.67 19.05 -26.16
CA MET A 337 13.16 17.91 -25.41
C MET A 337 12.06 16.91 -25.15
N LEU A 338 10.91 17.40 -24.74
CA LEU A 338 9.76 16.54 -24.41
C LEU A 338 9.21 15.83 -25.64
N LEU A 339 9.15 16.52 -26.77
CA LEU A 339 8.68 15.94 -28.04
C LEU A 339 9.56 14.76 -28.46
N CYS A 340 10.87 14.96 -28.42
CA CYS A 340 11.82 13.95 -28.78
C CYS A 340 11.88 12.82 -27.75
N ASP A 341 11.49 13.11 -26.51
CA ASP A 341 11.23 12.06 -25.52
C ASP A 341 9.93 11.26 -25.83
N LEU A 342 8.81 11.96 -25.87
CA LEU A 342 7.46 11.35 -25.98
C LEU A 342 7.27 10.60 -27.30
N LEU A 343 7.68 11.21 -28.41
CA LEU A 343 7.55 10.56 -29.71
C LEU A 343 8.38 9.29 -29.82
N MET A 344 9.41 9.15 -28.98
CA MET A 344 10.12 7.89 -28.88
C MET A 344 9.41 6.88 -27.96
N ILE A 345 8.80 7.36 -26.87
CA ILE A 345 8.11 6.53 -25.85
C ILE A 345 6.78 5.91 -26.32
N PHE A 346 5.98 6.74 -26.95
CA PHE A 346 4.71 6.37 -27.62
C PHE A 346 4.89 6.05 -29.14
N SER A 347 6.12 5.68 -29.52
CA SER A 347 6.40 5.02 -30.78
C SER A 347 5.89 3.58 -30.70
N HIS A 348 6.14 2.84 -31.77
CA HIS A 348 5.75 1.45 -31.83
C HIS A 348 6.59 0.57 -30.90
N GLN A 349 7.71 1.10 -30.40
CA GLN A 349 8.49 0.43 -29.36
C GLN A 349 7.59 0.02 -28.19
N LEU A 350 6.65 0.88 -27.85
CA LEU A 350 5.62 0.63 -26.83
C LEU A 350 4.89 -0.74 -26.93
N MET A 351 4.88 -1.34 -28.11
CA MET A 351 4.31 -2.67 -28.31
C MET A 351 5.37 -3.76 -28.30
N THR A 352 6.51 -3.51 -27.62
CA THR A 352 7.49 -4.53 -27.36
C THR A 352 7.08 -5.39 -26.14
N GLY A 353 7.81 -6.47 -25.94
CA GLY A 353 7.56 -7.41 -24.83
C GLY A 353 6.10 -7.79 -24.60
N GLY A 354 5.47 -8.43 -25.60
CA GLY A 354 4.06 -8.87 -25.56
C GLY A 354 3.04 -7.88 -25.11
N ARG A 355 3.32 -6.59 -25.28
CA ARG A 355 2.42 -5.55 -24.77
C ARG A 355 1.47 -4.99 -25.83
N GLU A 356 1.06 -5.79 -26.82
CA GLU A 356 0.25 -5.33 -27.96
C GLU A 356 -1.14 -4.79 -27.63
N GLY A 357 -1.55 -4.86 -26.35
CA GLY A 357 -2.74 -4.20 -25.88
C GLY A 357 -2.63 -2.70 -26.03
N LEU A 358 -1.39 -2.18 -25.99
CA LEU A 358 -1.12 -0.75 -25.97
C LEU A 358 -1.18 -0.06 -27.33
N GLN A 359 -1.57 -0.75 -28.40
CA GLN A 359 -1.65 -0.15 -29.74
C GLN A 359 -2.37 1.18 -29.76
N PRO A 360 -3.52 1.31 -29.06
CA PRO A 360 -4.21 2.58 -29.10
C PRO A 360 -3.43 3.76 -28.52
N LEU A 361 -2.37 3.52 -27.74
CA LEU A 361 -1.48 4.57 -27.24
C LEU A 361 -0.36 5.00 -28.19
N VAL A 362 -0.20 4.33 -29.35
CA VAL A 362 0.93 4.66 -30.27
C VAL A 362 0.63 5.93 -31.06
N PHE A 363 1.66 6.76 -31.29
CA PHE A 363 1.52 8.04 -31.97
C PHE A 363 2.56 8.25 -33.06
N ASN A 364 2.10 8.51 -34.28
CA ASN A 364 3.00 8.91 -35.35
C ASN A 364 2.82 10.37 -35.55
N PRO A 365 3.93 11.12 -35.53
CA PRO A 365 3.86 12.55 -35.62
C PRO A 365 3.59 12.97 -37.06
N ASP A 366 2.70 13.90 -37.25
CA ASP A 366 2.29 14.27 -38.61
C ASP A 366 3.42 15.00 -39.36
N THR A 367 3.15 15.43 -40.59
CA THR A 367 4.15 16.13 -41.41
C THR A 367 4.51 17.49 -40.82
N GLY A 368 3.49 18.27 -40.53
CA GLY A 368 3.67 19.58 -39.91
C GLY A 368 4.58 19.59 -38.68
N LEU A 369 4.38 18.61 -37.82
CA LEU A 369 5.22 18.41 -36.60
C LEU A 369 6.65 17.96 -36.94
N GLN A 370 6.80 17.07 -37.90
CA GLN A 370 8.13 16.72 -38.36
C GLN A 370 8.90 17.92 -38.93
N SER A 371 8.20 18.74 -39.69
CA SER A 371 8.79 19.97 -40.22
C SER A 371 9.24 20.92 -39.12
N GLU A 372 8.43 21.03 -38.07
CA GLU A 372 8.81 21.87 -36.93
C GLU A 372 9.97 21.32 -36.08
N LEU A 373 10.02 20.00 -35.97
CA LEU A 373 11.13 19.31 -35.32
C LEU A 373 12.42 19.32 -36.17
N LEU A 374 12.29 19.54 -37.48
CA LEU A 374 13.46 19.89 -38.29
C LEU A 374 13.84 21.36 -38.04
N SER A 375 12.84 22.25 -38.07
CA SER A 375 13.04 23.71 -37.90
C SER A 375 13.90 24.11 -36.66
N PHE A 376 13.51 23.58 -35.51
CA PHE A 376 14.23 23.84 -34.26
C PHE A 376 15.72 23.47 -34.37
N VAL A 377 16.00 22.36 -35.02
CA VAL A 377 17.38 21.91 -35.15
C VAL A 377 18.19 22.91 -35.99
N MET A 378 17.59 23.45 -37.04
CA MET A 378 18.27 24.45 -37.91
C MET A 378 18.49 25.77 -37.20
N ASP A 379 17.54 26.09 -36.33
CA ASP A 379 17.53 27.33 -35.59
C ASP A 379 18.25 27.32 -34.23
N HIS A 380 18.33 26.17 -33.58
CA HIS A 380 18.77 26.12 -32.17
C HIS A 380 19.80 25.09 -31.78
N VAL A 381 20.01 24.09 -32.61
CA VAL A 381 21.19 23.25 -32.46
C VAL A 381 22.37 23.89 -33.25
N PHE A 382 22.09 24.24 -34.50
CA PHE A 382 23.09 24.79 -35.44
C PHE A 382 23.00 26.31 -35.57
N ILE A 383 23.70 26.97 -34.64
CA ILE A 383 23.67 28.41 -34.45
C ILE A 383 25.03 29.06 -34.72
N ASP A 384 25.02 30.35 -35.04
CA ASP A 384 26.22 31.10 -35.52
C ASP A 384 27.18 31.41 -34.34
N GLN A 385 26.62 32.08 -33.34
CA GLN A 385 27.31 32.44 -32.10
C GLN A 385 26.24 32.90 -31.12
N GLU A 399 32.78 32.60 -20.05
CA GLU A 399 33.35 31.37 -20.55
C GLU A 399 32.50 30.19 -20.13
N ALA A 400 32.56 29.86 -18.83
CA ALA A 400 32.06 28.58 -18.33
C ALA A 400 30.66 28.20 -18.82
N ASN A 401 29.83 29.19 -19.07
CA ASN A 401 28.46 29.00 -19.60
C ASN A 401 28.36 28.40 -21.03
N LYS A 402 29.41 28.58 -21.83
CA LYS A 402 29.39 28.12 -23.23
C LYS A 402 29.72 26.65 -23.36
N ILE A 403 30.72 26.16 -22.64
CA ILE A 403 30.95 24.70 -22.61
C ILE A 403 29.73 23.92 -22.10
N GLU A 404 28.93 24.55 -21.23
CA GLU A 404 27.65 23.99 -20.75
C GLU A 404 26.56 24.09 -21.82
N ALA A 405 26.32 25.28 -22.31
CA ALA A 405 25.36 25.45 -23.40
C ALA A 405 25.59 24.57 -24.66
N LEU A 406 26.85 24.23 -24.95
CA LEU A 406 27.17 23.27 -26.04
C LEU A 406 26.64 21.85 -25.77
N HIS A 407 26.91 21.34 -24.59
CA HIS A 407 26.48 19.97 -24.28
C HIS A 407 24.95 19.82 -24.28
N LYS A 408 24.26 20.91 -23.98
CA LYS A 408 22.78 20.95 -24.05
C LYS A 408 22.29 20.75 -25.47
N ARG A 409 22.80 21.59 -26.38
CA ARG A 409 22.49 21.46 -27.80
C ARG A 409 22.91 20.11 -28.30
N ARG A 410 24.03 19.59 -27.80
CA ARG A 410 24.42 18.24 -28.14
C ARG A 410 23.34 17.25 -27.75
N ASN A 411 22.76 17.40 -26.56
CA ASN A 411 21.67 16.52 -26.11
C ASN A 411 20.38 16.73 -26.91
N LEU A 412 20.05 17.97 -27.18
CA LEU A 412 18.94 18.27 -28.08
C LEU A 412 19.06 17.58 -29.42
N LEU A 413 20.27 17.51 -29.95
CA LEU A 413 20.47 16.79 -31.20
C LEU A 413 20.39 15.29 -30.97
N ALA A 414 21.07 14.80 -29.94
CA ALA A 414 21.12 13.37 -29.70
C ALA A 414 19.72 12.79 -29.48
N ALA A 415 18.86 13.59 -28.85
CA ALA A 415 17.44 13.23 -28.67
C ALA A 415 16.65 13.28 -29.98
N PHE A 416 16.97 14.25 -30.82
CA PHE A 416 16.39 14.30 -32.16
C PHE A 416 16.87 13.16 -33.02
N SER A 417 18.14 12.81 -32.82
CA SER A 417 18.79 11.79 -33.61
C SER A 417 18.09 10.45 -33.53
N LYS A 418 17.61 10.12 -32.34
CA LYS A 418 16.86 8.88 -32.16
C LYS A 418 15.59 8.82 -33.06
N LEU A 419 14.92 9.92 -33.23
CA LEU A 419 13.75 9.96 -34.13
C LEU A 419 14.08 9.70 -35.60
N ILE A 420 15.28 10.13 -35.99
CA ILE A 420 15.76 9.91 -37.35
C ILE A 420 16.04 8.44 -37.55
N ILE A 421 16.82 7.84 -36.64
CA ILE A 421 17.20 6.44 -36.79
C ILE A 421 15.96 5.50 -36.96
N TYR A 422 14.81 5.81 -36.37
CA TYR A 422 13.60 4.94 -36.43
C TYR A 422 12.46 5.44 -37.31
N ASP A 423 12.82 6.33 -38.22
CA ASP A 423 11.93 6.91 -39.23
C ASP A 423 10.63 7.48 -38.65
N ILE A 424 10.78 8.14 -37.51
CA ILE A 424 9.66 8.77 -36.85
C ILE A 424 9.50 10.18 -37.39
N VAL A 425 10.63 10.84 -37.74
CA VAL A 425 10.64 12.00 -38.64
C VAL A 425 11.26 11.59 -39.98
N ASP A 426 11.12 12.45 -40.96
CA ASP A 426 11.64 12.23 -42.32
C ASP A 426 13.16 12.09 -42.25
N MET A 427 13.64 10.86 -42.38
CA MET A 427 15.10 10.60 -42.26
C MET A 427 15.96 11.22 -43.39
N HIS A 428 15.34 11.50 -44.55
CA HIS A 428 16.05 12.12 -45.70
C HIS A 428 16.14 13.66 -45.61
N ALA A 429 15.04 14.31 -45.26
CA ALA A 429 15.06 15.77 -45.00
C ALA A 429 15.94 16.19 -43.81
N ALA A 430 16.11 15.28 -42.87
CA ALA A 430 17.06 15.47 -41.78
C ALA A 430 18.47 15.47 -42.29
N ALA A 431 18.85 14.40 -42.97
CA ALA A 431 20.22 14.25 -43.48
C ALA A 431 20.64 15.36 -44.44
N ASP A 432 19.67 15.90 -45.17
CA ASP A 432 19.89 17.10 -45.99
C ASP A 432 20.38 18.29 -45.17
N ILE A 433 19.79 18.49 -43.99
CA ILE A 433 20.27 19.52 -43.06
C ILE A 433 21.67 19.20 -42.55
N PHE A 434 21.92 17.94 -42.27
CA PHE A 434 23.28 17.51 -41.87
C PHE A 434 24.32 17.70 -42.98
N LYS A 435 23.92 17.55 -44.24
CA LYS A 435 24.78 17.91 -45.36
C LYS A 435 25.12 19.40 -45.27
N HIS A 436 24.07 20.22 -45.35
CA HIS A 436 24.21 21.67 -45.41
C HIS A 436 25.16 22.25 -44.35
N TYR A 437 25.12 21.70 -43.14
CA TYR A 437 25.92 22.20 -42.01
C TYR A 437 27.35 21.58 -41.93
N MET A 438 27.50 20.38 -42.49
CA MET A 438 28.84 19.77 -42.62
C MET A 438 29.54 20.13 -43.95
N LYS A 439 29.05 21.13 -44.66
CA LYS A 439 29.53 21.46 -46.01
C LYS A 439 31.01 21.78 -46.00
N TYR A 440 31.42 22.66 -45.06
CA TYR A 440 32.84 23.06 -44.97
C TYR A 440 33.78 21.96 -44.52
N TYR A 441 33.26 20.90 -43.92
CA TYR A 441 34.09 19.76 -43.67
C TYR A 441 34.27 18.96 -44.99
N ASN A 442 33.20 18.75 -45.76
CA ASN A 442 33.28 17.99 -47.02
C ASN A 442 34.01 18.72 -48.15
N ASP A 443 34.05 20.04 -48.09
CA ASP A 443 34.65 20.84 -49.14
C ASP A 443 36.12 21.24 -48.89
N TYR A 444 36.56 21.30 -47.64
CA TYR A 444 37.91 21.80 -47.33
C TYR A 444 38.58 21.09 -46.14
N GLY A 445 38.13 19.89 -45.81
CA GLY A 445 38.52 19.26 -44.56
C GLY A 445 39.89 18.66 -44.65
N ASP A 446 40.05 17.86 -45.70
CA ASP A 446 41.33 17.27 -46.05
C ASP A 446 42.45 18.31 -46.06
N ILE A 447 42.20 19.44 -46.69
CA ILE A 447 43.22 20.51 -46.85
C ILE A 447 43.57 21.18 -45.51
N ILE A 448 42.56 21.37 -44.68
CA ILE A 448 42.76 21.90 -43.34
C ILE A 448 43.42 20.88 -42.44
N LYS A 449 43.11 19.60 -42.67
CA LYS A 449 43.66 18.53 -41.86
C LYS A 449 45.19 18.49 -42.03
N GLU A 450 45.62 18.28 -43.28
CA GLU A 450 47.04 18.11 -43.57
C GLU A 450 47.88 19.37 -43.25
N THR A 451 47.27 20.52 -43.38
CA THR A 451 47.94 21.78 -43.06
C THR A 451 48.33 21.87 -41.58
N LEU A 452 47.34 21.63 -40.72
CA LEU A 452 47.56 21.67 -39.26
C LEU A 452 48.45 20.54 -38.77
N SER A 453 48.47 19.44 -39.52
CA SER A 453 49.38 18.36 -39.22
C SER A 453 50.88 18.72 -39.37
N LYS A 454 51.22 19.75 -40.15
CA LYS A 454 52.61 20.23 -40.29
C LYS A 454 52.93 21.53 -39.53
N THR A 455 52.26 21.80 -38.40
CA THR A 455 52.57 22.96 -37.55
C THR A 455 52.45 22.64 -36.06
N PRO B 4 -3.94 -20.46 -25.39
CA PRO B 4 -3.80 -21.84 -25.92
C PRO B 4 -4.93 -22.79 -25.48
N ASN B 5 -5.32 -22.66 -24.21
CA ASN B 5 -6.40 -23.42 -23.60
C ASN B 5 -7.65 -22.60 -23.41
N GLY B 6 -7.68 -21.40 -23.97
CA GLY B 6 -8.76 -20.46 -23.72
C GLY B 6 -10.16 -20.98 -24.08
N ASN B 7 -10.27 -21.81 -25.11
CA ASN B 7 -11.58 -22.41 -25.48
C ASN B 7 -11.97 -23.55 -24.52
N LEU B 8 -11.06 -24.48 -24.35
CA LEU B 8 -11.30 -25.69 -23.54
C LEU B 8 -11.87 -25.40 -22.16
N ILE B 9 -11.34 -24.35 -21.51
CA ILE B 9 -11.85 -23.82 -20.24
C ILE B 9 -13.26 -23.23 -20.41
N ARG B 10 -13.46 -22.42 -21.45
CA ARG B 10 -14.77 -21.80 -21.60
C ARG B 10 -15.86 -22.86 -21.77
N MET B 11 -15.50 -23.99 -22.37
CA MET B 11 -16.44 -25.13 -22.54
C MET B 11 -16.58 -26.00 -21.30
N LEU B 12 -15.53 -26.07 -20.49
CA LEU B 12 -15.68 -26.63 -19.14
C LEU B 12 -16.74 -25.88 -18.42
N VAL B 13 -16.63 -24.56 -18.48
CA VAL B 13 -17.57 -23.71 -17.82
C VAL B 13 -19.01 -23.95 -18.32
N LEU B 14 -19.21 -24.42 -19.56
CA LEU B 14 -20.58 -24.75 -20.08
C LEU B 14 -21.00 -26.11 -19.64
N PHE B 15 -20.16 -27.08 -19.96
CA PHE B 15 -20.35 -28.46 -19.55
C PHE B 15 -20.73 -28.56 -18.07
N PHE B 16 -20.20 -27.63 -17.26
CA PHE B 16 -20.47 -27.59 -15.83
C PHE B 16 -21.90 -27.15 -15.49
N LEU B 17 -22.32 -25.98 -15.92
CA LEU B 17 -23.60 -25.46 -15.39
C LEU B 17 -24.88 -25.77 -16.20
N GLU B 18 -24.74 -26.22 -17.45
CA GLU B 18 -25.87 -26.86 -18.15
C GLU B 18 -25.99 -28.36 -17.87
N SER B 19 -25.11 -28.91 -17.04
CA SER B 19 -25.42 -30.17 -16.37
C SER B 19 -26.45 -29.98 -15.25
N GLU B 20 -26.76 -28.73 -14.91
CA GLU B 20 -27.73 -28.37 -13.88
C GLU B 20 -27.50 -29.10 -12.53
N LEU B 21 -26.22 -29.32 -12.20
CA LEU B 21 -25.77 -29.85 -10.92
C LEU B 21 -24.77 -28.83 -10.34
N HIS B 22 -25.26 -27.64 -10.03
CA HIS B 22 -24.40 -26.53 -9.54
C HIS B 22 -23.72 -26.76 -8.18
N GLU B 23 -24.23 -27.74 -7.45
CA GLU B 23 -23.57 -28.20 -6.23
C GLU B 23 -22.36 -29.09 -6.50
N HIS B 24 -22.06 -29.39 -7.76
CA HIS B 24 -21.05 -30.41 -8.08
C HIS B 24 -19.65 -29.86 -8.47
N ALA B 25 -19.33 -28.61 -8.17
CA ALA B 25 -18.07 -27.98 -8.66
C ALA B 25 -16.84 -28.78 -8.31
N ALA B 26 -16.58 -28.99 -7.03
CA ALA B 26 -15.43 -29.77 -6.63
C ALA B 26 -15.57 -31.23 -7.06
N TYR B 27 -16.80 -31.73 -7.20
CA TYR B 27 -17.05 -33.08 -7.69
C TYR B 27 -16.55 -33.25 -9.13
N LEU B 28 -16.86 -32.30 -9.99
CA LEU B 28 -16.38 -32.25 -11.38
C LEU B 28 -14.85 -32.18 -11.44
N VAL B 29 -14.26 -31.22 -10.71
CA VAL B 29 -12.81 -30.99 -10.72
C VAL B 29 -12.04 -32.20 -10.27
N ASP B 30 -12.58 -32.94 -9.29
CA ASP B 30 -11.94 -34.17 -8.86
C ASP B 30 -12.10 -35.30 -9.88
N SER B 31 -13.29 -35.44 -10.46
CA SER B 31 -13.53 -36.47 -11.47
C SER B 31 -12.68 -36.26 -12.75
N LEU B 32 -12.26 -35.03 -13.02
CA LEU B 32 -11.43 -34.68 -14.17
C LEU B 32 -9.94 -34.57 -13.87
N TRP B 33 -9.54 -34.76 -12.61
CA TRP B 33 -8.18 -34.44 -12.19
C TRP B 33 -7.16 -35.45 -12.72
N GLU B 34 -7.47 -36.74 -12.62
CA GLU B 34 -6.52 -37.72 -13.14
C GLU B 34 -6.08 -37.36 -14.55
N SER B 35 -7.06 -37.21 -15.45
CA SER B 35 -6.80 -36.93 -16.88
C SER B 35 -6.38 -35.49 -17.20
N SER B 36 -7.10 -34.52 -16.70
CA SER B 36 -6.94 -33.16 -17.19
C SER B 36 -6.36 -32.11 -16.21
N GLN B 37 -5.51 -32.50 -15.26
CA GLN B 37 -4.97 -31.55 -14.25
C GLN B 37 -4.10 -30.46 -14.85
N GLU B 38 -3.25 -30.81 -15.82
CA GLU B 38 -2.42 -29.81 -16.52
C GLU B 38 -3.26 -28.62 -17.05
N LEU B 39 -4.45 -28.91 -17.63
CA LEU B 39 -5.38 -27.87 -18.07
C LEU B 39 -5.97 -27.18 -16.88
N LEU B 40 -6.32 -27.96 -15.87
CA LEU B 40 -6.99 -27.47 -14.68
C LEU B 40 -6.08 -26.58 -13.78
N LYS B 41 -4.75 -26.74 -13.89
CA LYS B 41 -3.75 -25.83 -13.23
C LYS B 41 -3.29 -24.62 -14.06
N ASP B 42 -3.69 -24.49 -15.32
CA ASP B 42 -3.41 -23.27 -16.09
C ASP B 42 -4.24 -22.15 -15.50
N TRP B 43 -3.77 -21.63 -14.36
CA TRP B 43 -4.45 -20.57 -13.61
C TRP B 43 -4.34 -19.25 -14.38
N GLU B 44 -3.21 -19.04 -15.05
CA GLU B 44 -2.93 -17.84 -15.86
C GLU B 44 -4.02 -17.65 -16.89
N CYS B 45 -4.39 -18.73 -17.56
CA CYS B 45 -5.48 -18.73 -18.53
C CYS B 45 -6.80 -18.24 -17.91
N MET B 46 -7.13 -18.76 -16.72
CA MET B 46 -8.43 -18.52 -16.09
C MET B 46 -8.55 -17.08 -15.63
N THR B 47 -7.44 -16.52 -15.13
CA THR B 47 -7.36 -15.13 -14.71
C THR B 47 -7.42 -14.28 -15.96
N GLU B 48 -6.68 -14.69 -16.99
CA GLU B 48 -6.75 -14.10 -18.31
C GLU B 48 -8.21 -14.05 -18.77
N LEU B 49 -8.93 -15.18 -18.70
CA LEU B 49 -10.36 -15.24 -19.11
C LEU B 49 -11.28 -14.31 -18.32
N LEU B 50 -10.92 -14.02 -17.07
CA LEU B 50 -11.75 -13.21 -16.17
C LEU B 50 -11.40 -11.73 -16.24
N LEU B 51 -10.12 -11.41 -16.42
CA LEU B 51 -9.61 -10.04 -16.29
C LEU B 51 -9.61 -9.22 -17.58
N GLU B 52 -10.00 -9.79 -18.73
CA GLU B 52 -9.77 -9.14 -20.03
C GLU B 52 -10.96 -9.26 -20.98
N GLU B 53 -10.81 -8.62 -22.14
CA GLU B 53 -11.64 -8.87 -23.33
C GLU B 53 -10.71 -8.97 -24.54
N ALA B 60 -17.88 -12.57 -25.06
CA ALA B 60 -18.53 -12.05 -23.86
C ALA B 60 -19.05 -13.17 -22.94
N MET B 61 -18.32 -13.46 -21.86
CA MET B 61 -18.77 -14.46 -20.87
C MET B 61 -20.02 -14.00 -20.14
N SER B 62 -20.97 -14.89 -19.88
CA SER B 62 -22.18 -14.50 -19.16
C SER B 62 -21.85 -14.20 -17.69
N ASP B 63 -22.80 -13.65 -16.97
CA ASP B 63 -22.59 -13.31 -15.56
C ASP B 63 -22.40 -14.60 -14.81
N ARG B 64 -23.42 -15.47 -14.89
CA ARG B 64 -23.40 -16.77 -14.25
C ARG B 64 -22.21 -17.62 -14.69
N GLN B 65 -21.66 -17.39 -15.89
CA GLN B 65 -20.48 -18.09 -16.37
C GLN B 65 -19.20 -17.63 -15.65
N GLU B 66 -19.13 -16.35 -15.31
CA GLU B 66 -17.96 -15.82 -14.56
C GLU B 66 -17.98 -16.45 -13.17
N SER B 67 -19.11 -16.32 -12.46
CA SER B 67 -19.36 -17.04 -11.21
C SER B 67 -18.83 -18.44 -11.28
N ALA B 68 -19.31 -19.20 -12.25
CA ALA B 68 -18.96 -20.60 -12.35
C ALA B 68 -17.47 -20.83 -12.65
N LEU B 69 -16.82 -19.94 -13.41
CA LEU B 69 -15.37 -20.02 -13.65
C LEU B 69 -14.59 -19.75 -12.36
N ILE B 70 -14.99 -18.71 -11.63
CA ILE B 70 -14.39 -18.35 -10.34
C ILE B 70 -14.42 -19.55 -9.42
N GLU B 71 -15.61 -20.13 -9.28
CA GLU B 71 -15.83 -21.29 -8.40
C GLU B 71 -14.97 -22.45 -8.87
N LEU B 72 -15.03 -22.74 -10.17
CA LEU B 72 -14.23 -23.85 -10.73
C LEU B 72 -12.75 -23.55 -10.51
N MET B 73 -12.33 -22.32 -10.74
CA MET B 73 -10.91 -21.93 -10.54
C MET B 73 -10.51 -22.13 -9.08
N VAL B 74 -11.35 -21.72 -8.15
CA VAL B 74 -11.00 -21.92 -6.71
C VAL B 74 -10.95 -23.42 -6.39
N CYS B 75 -11.80 -24.23 -7.01
CA CYS B 75 -11.79 -25.69 -6.75
C CYS B 75 -10.46 -26.28 -7.23
N THR B 76 -9.94 -25.80 -8.35
CA THR B 76 -8.67 -26.33 -8.91
C THR B 76 -7.51 -26.04 -7.97
N ILE B 77 -7.48 -24.86 -7.39
CA ILE B 77 -6.40 -24.47 -6.46
C ILE B 77 -6.40 -25.46 -5.30
N ARG B 78 -7.47 -25.49 -4.52
CA ARG B 78 -7.56 -26.49 -3.46
C ARG B 78 -6.95 -27.78 -3.95
N GLN B 79 -7.60 -28.45 -4.90
CA GLN B 79 -7.19 -29.78 -5.26
C GLN B 79 -5.68 -29.77 -5.46
N ALA B 80 -5.16 -28.69 -6.05
CA ALA B 80 -3.73 -28.52 -6.24
C ALA B 80 -2.99 -28.50 -4.91
N ALA B 81 -3.33 -27.53 -4.06
CA ALA B 81 -2.65 -27.30 -2.76
C ALA B 81 -2.65 -28.53 -1.85
N GLU B 82 -3.84 -29.04 -1.53
CA GLU B 82 -4.03 -30.12 -0.58
C GLU B 82 -3.66 -31.48 -1.15
N ALA B 83 -3.83 -31.68 -2.46
CA ALA B 83 -3.46 -32.90 -3.17
C ALA B 83 -4.22 -34.13 -2.67
N HIS B 84 -5.51 -33.97 -2.42
CA HIS B 84 -6.45 -35.08 -2.13
C HIS B 84 -7.85 -34.70 -2.64
N PRO B 85 -8.76 -35.68 -2.85
CA PRO B 85 -10.18 -35.40 -3.16
C PRO B 85 -10.89 -34.50 -2.13
N PRO B 86 -11.98 -33.84 -2.54
CA PRO B 86 -12.67 -32.93 -1.61
C PRO B 86 -13.54 -33.66 -0.57
N VAL B 87 -14.26 -32.90 0.23
CA VAL B 87 -15.17 -33.46 1.24
C VAL B 87 -16.21 -34.48 0.66
N GLY B 88 -16.03 -35.73 1.02
CA GLY B 88 -16.94 -36.81 0.62
C GLY B 88 -16.54 -37.56 -0.63
N ARG B 89 -15.25 -37.82 -0.78
CA ARG B 89 -14.75 -38.62 -1.91
C ARG B 89 -13.52 -39.51 -1.60
N GLY B 90 -12.94 -39.45 -0.39
CA GLY B 90 -11.65 -40.10 -0.12
C GLY B 90 -11.79 -41.46 0.49
N VAL B 95 -1.90 -41.91 0.36
CA VAL B 95 -0.51 -42.36 0.39
C VAL B 95 0.29 -41.82 -0.84
N LEU B 96 0.90 -40.65 -0.68
CA LEU B 96 1.62 -39.91 -1.76
C LEU B 96 2.91 -40.55 -2.25
N THR B 97 3.16 -40.48 -3.56
CA THR B 97 4.29 -41.13 -4.22
C THR B 97 5.70 -40.57 -3.89
N ALA B 98 5.80 -39.31 -3.50
CA ALA B 98 7.04 -38.48 -3.47
C ALA B 98 7.22 -37.75 -4.80
N LYS B 99 6.76 -38.37 -5.91
CA LYS B 99 6.51 -37.68 -7.20
C LYS B 99 5.28 -36.82 -7.12
N GLU B 100 4.21 -37.32 -6.50
CA GLU B 100 3.01 -36.55 -6.27
C GLU B 100 3.28 -35.50 -5.20
N ARG B 101 4.01 -35.88 -4.14
CA ARG B 101 4.48 -34.95 -3.09
C ARG B 101 5.36 -33.83 -3.69
N LYS B 102 6.17 -34.16 -4.68
CA LYS B 102 6.93 -33.16 -5.45
C LYS B 102 5.95 -32.19 -6.10
N THR B 103 5.10 -32.69 -7.02
CA THR B 103 4.23 -31.86 -7.85
C THR B 103 3.39 -30.90 -7.00
N GLN B 104 2.86 -31.41 -5.88
CA GLN B 104 2.13 -30.64 -4.86
C GLN B 104 2.88 -29.40 -4.36
N ILE B 105 4.18 -29.58 -4.09
CA ILE B 105 5.06 -28.52 -3.60
C ILE B 105 5.17 -27.47 -4.70
N ASP B 106 5.52 -27.92 -5.89
CA ASP B 106 5.66 -27.09 -7.09
C ASP B 106 4.41 -26.28 -7.36
N ASP B 107 3.23 -26.92 -7.20
CA ASP B 107 1.93 -26.29 -7.44
C ASP B 107 1.72 -25.13 -6.50
N ARG B 108 1.75 -25.44 -5.19
CA ARG B 108 1.54 -24.46 -4.13
C ARG B 108 2.29 -23.20 -4.51
N ASN B 109 3.57 -23.34 -4.83
CA ASN B 109 4.44 -22.22 -5.14
C ASN B 109 3.89 -21.45 -6.30
N LYS B 110 3.63 -22.18 -7.40
CA LYS B 110 3.12 -21.62 -8.65
C LYS B 110 1.87 -20.78 -8.41
N LEU B 111 0.91 -21.37 -7.69
CA LEU B 111 -0.40 -20.77 -7.48
C LEU B 111 -0.26 -19.55 -6.63
N THR B 112 0.58 -19.66 -5.60
CA THR B 112 0.88 -18.57 -4.68
C THR B 112 1.45 -17.43 -5.48
N GLU B 113 2.44 -17.75 -6.30
CA GLU B 113 3.15 -16.77 -7.10
C GLU B 113 2.16 -16.06 -7.98
N HIS B 114 1.39 -16.81 -8.77
CA HIS B 114 0.46 -16.20 -9.72
C HIS B 114 -0.58 -15.35 -9.00
N PHE B 115 -1.22 -15.92 -7.98
CA PHE B 115 -2.43 -15.34 -7.42
C PHE B 115 -2.17 -14.14 -6.53
N ILE B 116 -1.05 -14.16 -5.80
CA ILE B 116 -0.55 -12.98 -5.08
C ILE B 116 -0.68 -11.75 -5.97
N ILE B 117 -0.33 -11.90 -7.24
CA ILE B 117 -0.27 -10.81 -8.19
C ILE B 117 -1.66 -10.48 -8.73
N THR B 118 -2.39 -11.52 -9.14
CA THR B 118 -3.65 -11.39 -9.90
C THR B 118 -4.91 -11.32 -9.02
N LEU B 119 -4.84 -11.84 -7.78
CA LEU B 119 -5.98 -11.88 -6.84
C LEU B 119 -6.39 -10.49 -6.43
N PRO B 120 -5.41 -9.62 -6.10
CA PRO B 120 -5.82 -8.27 -5.81
C PRO B 120 -6.62 -7.64 -6.96
N MET B 121 -6.28 -8.00 -8.19
CA MET B 121 -6.94 -7.48 -9.38
C MET B 121 -8.35 -8.11 -9.51
N LEU B 122 -8.42 -9.43 -9.42
CA LEU B 122 -9.70 -10.19 -9.45
C LEU B 122 -10.73 -9.59 -8.53
N LEU B 123 -10.31 -9.36 -7.28
CA LEU B 123 -11.11 -8.71 -6.23
C LEU B 123 -11.49 -7.34 -6.67
N SER B 124 -10.52 -6.64 -7.27
CA SER B 124 -10.73 -5.33 -7.82
C SER B 124 -11.85 -5.36 -8.90
N LYS B 125 -11.87 -6.37 -9.78
CA LYS B 125 -12.90 -6.47 -10.85
C LYS B 125 -14.31 -6.78 -10.31
N TYR B 126 -14.43 -7.83 -9.51
CA TYR B 126 -15.74 -8.29 -9.05
C TYR B 126 -16.11 -7.76 -7.65
N SER B 127 -15.48 -6.67 -7.21
CA SER B 127 -15.63 -6.15 -5.83
C SER B 127 -17.09 -5.93 -5.43
N ALA B 128 -17.93 -5.54 -6.38
CA ALA B 128 -19.36 -5.34 -6.09
C ALA B 128 -20.22 -6.62 -5.94
N ASP B 129 -19.75 -7.75 -6.43
CA ASP B 129 -20.53 -9.01 -6.38
C ASP B 129 -20.21 -9.78 -5.11
N ALA B 130 -21.22 -9.97 -4.26
CA ALA B 130 -21.06 -10.56 -2.93
C ALA B 130 -20.48 -11.94 -3.03
N GLU B 131 -21.26 -12.86 -3.60
CA GLU B 131 -20.88 -14.26 -3.65
C GLU B 131 -19.64 -14.57 -4.50
N LYS B 132 -19.26 -13.71 -5.44
CA LYS B 132 -18.03 -13.86 -6.22
C LYS B 132 -16.79 -13.52 -5.37
N VAL B 133 -16.86 -12.41 -4.66
CA VAL B 133 -15.80 -11.98 -3.75
C VAL B 133 -15.62 -13.07 -2.72
N ALA B 134 -16.70 -13.40 -2.00
CA ALA B 134 -16.73 -14.49 -1.05
C ALA B 134 -15.85 -15.61 -1.53
N ASN B 135 -16.09 -16.02 -2.79
CA ASN B 135 -15.46 -17.17 -3.34
C ASN B 135 -13.98 -16.95 -3.69
N LEU B 136 -13.62 -15.73 -4.07
CA LEU B 136 -12.21 -15.36 -4.28
C LEU B 136 -11.42 -15.42 -2.96
N LEU B 137 -12.03 -14.95 -1.89
CA LEU B 137 -11.36 -14.83 -0.61
C LEU B 137 -11.14 -16.16 0.04
N GLN B 138 -11.63 -17.25 -0.56
CA GLN B 138 -11.24 -18.58 -0.16
C GLN B 138 -9.85 -18.94 -0.71
N ILE B 139 -9.19 -18.05 -1.43
CA ILE B 139 -7.91 -18.32 -2.08
C ILE B 139 -6.66 -18.24 -1.12
N PRO B 140 -6.46 -17.10 -0.39
CA PRO B 140 -5.24 -16.84 0.43
C PRO B 140 -4.83 -17.92 1.40
N GLN B 141 -5.80 -18.63 1.95
CA GLN B 141 -5.55 -19.78 2.81
C GLN B 141 -4.68 -20.85 2.21
N TYR B 142 -4.57 -20.90 0.88
CA TYR B 142 -3.78 -21.93 0.21
C TYR B 142 -2.33 -21.49 -0.08
N PHE B 143 -2.07 -20.18 0.01
CA PHE B 143 -0.73 -19.61 -0.09
C PHE B 143 0.25 -20.28 0.86
N ASP B 144 1.47 -20.52 0.38
CA ASP B 144 2.65 -20.58 1.25
C ASP B 144 3.09 -19.13 1.53
N LEU B 145 2.60 -18.56 2.64
CA LEU B 145 2.76 -17.12 2.90
C LEU B 145 4.22 -16.62 2.95
N GLU B 146 5.17 -17.52 3.19
CA GLU B 146 6.61 -17.25 3.05
C GLU B 146 6.95 -16.46 1.81
N ILE B 147 6.40 -16.89 0.67
CA ILE B 147 6.65 -16.30 -0.67
C ILE B 147 6.23 -14.82 -0.79
N TYR B 148 5.65 -14.24 0.25
CA TYR B 148 5.49 -12.80 0.33
C TYR B 148 6.85 -12.18 0.68
N SER B 149 7.54 -12.81 1.63
CA SER B 149 8.90 -12.43 2.07
C SER B 149 9.95 -12.96 1.10
N THR B 150 10.10 -14.28 1.09
CA THR B 150 11.22 -14.95 0.39
C THR B 150 11.23 -14.81 -1.16
N GLY B 151 10.35 -13.98 -1.71
CA GLY B 151 10.45 -13.48 -3.07
C GLY B 151 10.16 -12.01 -3.25
N ARG B 152 10.30 -11.22 -2.17
CA ARG B 152 9.99 -9.80 -2.18
C ARG B 152 8.80 -9.44 -3.07
N MET B 153 7.61 -9.88 -2.62
CA MET B 153 6.33 -9.61 -3.26
C MET B 153 5.45 -8.77 -2.34
N GLU B 154 6.11 -7.88 -1.57
CA GLU B 154 5.43 -7.07 -0.58
C GLU B 154 4.63 -5.96 -1.24
N LYS B 155 4.99 -5.60 -2.46
CA LYS B 155 4.23 -4.67 -3.25
C LYS B 155 2.77 -5.17 -3.37
N HIS B 156 2.58 -6.47 -3.51
CA HIS B 156 1.25 -7.08 -3.80
C HIS B 156 0.41 -7.40 -2.56
N LEU B 157 1.10 -7.78 -1.50
CA LEU B 157 0.43 -8.01 -0.22
C LEU B 157 -0.18 -6.66 0.15
N ASP B 158 0.48 -5.57 -0.22
CA ASP B 158 -0.05 -4.22 0.05
C ASP B 158 -1.30 -4.00 -0.79
N ALA B 159 -1.31 -4.52 -2.02
CA ALA B 159 -2.44 -4.36 -2.96
C ALA B 159 -3.60 -5.25 -2.53
N LEU B 160 -3.31 -6.36 -1.86
CA LEU B 160 -4.40 -7.24 -1.38
C LEU B 160 -5.17 -6.49 -0.31
N LEU B 161 -4.48 -6.09 0.75
CA LEU B 161 -5.07 -5.37 1.90
C LEU B 161 -5.84 -4.15 1.41
N LYS B 162 -5.23 -3.27 0.64
CA LYS B 162 -5.93 -2.11 0.13
C LYS B 162 -7.30 -2.50 -0.47
N GLN B 163 -7.39 -3.68 -1.07
CA GLN B 163 -8.63 -4.19 -1.73
C GLN B 163 -9.64 -4.79 -0.78
N ILE B 164 -9.19 -5.56 0.18
CA ILE B 164 -10.05 -6.10 1.25
C ILE B 164 -10.75 -4.95 1.95
N LYS B 165 -9.96 -3.90 2.23
CA LYS B 165 -10.46 -2.66 2.76
C LYS B 165 -11.66 -2.15 1.94
N PHE B 166 -11.49 -2.02 0.62
CA PHE B 166 -12.57 -1.56 -0.27
C PHE B 166 -13.80 -2.54 -0.31
N VAL B 167 -13.57 -3.83 -0.19
CA VAL B 167 -14.66 -4.86 -0.18
C VAL B 167 -15.57 -4.68 1.02
N VAL B 168 -14.96 -4.77 2.19
CA VAL B 168 -15.67 -4.78 3.47
C VAL B 168 -16.35 -3.44 3.85
N GLU B 169 -15.79 -2.32 3.39
CA GLU B 169 -16.45 -1.02 3.50
C GLU B 169 -17.80 -0.99 2.77
N LYS B 170 -17.88 -1.73 1.66
CA LYS B 170 -19.03 -1.74 0.76
C LYS B 170 -20.08 -2.83 1.05
N HIS B 171 -19.66 -3.91 1.66
CA HIS B 171 -20.49 -5.11 1.79
C HIS B 171 -21.06 -5.32 3.20
N VAL B 172 -22.33 -5.75 3.26
CA VAL B 172 -23.05 -6.05 4.50
C VAL B 172 -23.42 -7.55 4.59
N GLU B 173 -23.42 -8.27 3.47
CA GLU B 173 -23.84 -9.67 3.44
C GLU B 173 -22.83 -10.44 4.27
N SER B 174 -23.34 -11.18 5.25
CA SER B 174 -22.50 -11.85 6.25
C SER B 174 -21.45 -12.80 5.71
N ASP B 175 -21.60 -13.29 4.48
CA ASP B 175 -20.61 -14.19 3.91
C ASP B 175 -19.35 -13.48 3.43
N VAL B 176 -19.52 -12.31 2.83
CA VAL B 176 -18.40 -11.45 2.40
C VAL B 176 -17.53 -11.03 3.60
N LEU B 177 -18.22 -10.62 4.66
CA LEU B 177 -17.55 -10.06 5.84
C LEU B 177 -16.76 -11.11 6.54
N GLU B 178 -17.38 -12.27 6.72
CA GLU B 178 -16.72 -13.39 7.35
C GLU B 178 -15.49 -13.77 6.56
N ALA B 179 -15.64 -13.81 5.24
CA ALA B 179 -14.54 -14.17 4.40
C ALA B 179 -13.41 -13.12 4.45
N CYS B 180 -13.73 -11.84 4.55
CA CYS B 180 -12.69 -10.79 4.78
C CYS B 180 -11.92 -11.01 6.09
N SER B 181 -12.68 -11.18 7.18
CA SER B 181 -12.13 -11.40 8.51
C SER B 181 -11.39 -12.72 8.65
N LYS B 182 -11.91 -13.79 8.05
CA LYS B 182 -11.15 -15.04 7.98
C LYS B 182 -9.82 -14.92 7.20
N THR B 183 -9.74 -14.03 6.24
CA THR B 183 -8.58 -13.87 5.36
C THR B 183 -7.46 -13.08 6.11
N TYR B 184 -7.86 -12.03 6.80
CA TYR B 184 -6.90 -11.29 7.65
C TYR B 184 -6.38 -12.25 8.72
N SER B 185 -7.17 -13.25 9.05
CA SER B 185 -6.81 -14.25 10.09
C SER B 185 -5.69 -15.17 9.60
N ILE B 186 -5.58 -15.37 8.29
CA ILE B 186 -4.53 -16.25 7.71
C ILE B 186 -3.29 -15.39 7.49
N LEU B 187 -3.51 -14.15 7.07
CA LEU B 187 -2.41 -13.19 6.81
C LEU B 187 -1.71 -12.93 8.14
N CYS B 188 -2.45 -12.58 9.18
CA CYS B 188 -1.87 -12.41 10.55
C CYS B 188 -1.64 -13.82 11.06
N SER B 189 -0.50 -14.40 10.74
CA SER B 189 -0.21 -15.80 11.14
C SER B 189 0.85 -15.79 12.22
N GLU B 190 1.45 -14.64 12.47
CA GLU B 190 2.50 -14.50 13.52
C GLU B 190 3.57 -15.54 13.22
N GLU B 191 4.07 -15.51 11.98
CA GLU B 191 5.12 -16.43 11.49
C GLU B 191 6.05 -15.60 10.62
N TYR B 192 5.53 -15.22 9.45
CA TYR B 192 6.30 -14.53 8.39
C TYR B 192 6.59 -13.07 8.75
N THR B 193 7.44 -12.45 7.94
CA THR B 193 7.90 -11.04 8.11
C THR B 193 6.83 -10.05 7.63
N ILE B 194 5.82 -10.56 6.93
CA ILE B 194 4.68 -9.77 6.40
C ILE B 194 3.74 -9.48 7.57
N GLN B 195 3.74 -10.33 8.59
CA GLN B 195 2.86 -10.22 9.78
C GLN B 195 2.81 -8.79 10.31
N ASN B 196 3.95 -8.15 10.52
CA ASN B 196 3.93 -6.75 10.98
C ASN B 196 3.15 -5.88 9.98
N ARG B 197 3.35 -6.06 8.68
CA ARG B 197 2.67 -5.21 7.67
C ARG B 197 1.16 -5.44 7.66
N VAL B 198 0.71 -6.65 7.99
CA VAL B 198 -0.74 -6.98 8.02
C VAL B 198 -1.40 -6.24 9.18
N ASP B 199 -0.79 -6.30 10.37
CA ASP B 199 -1.31 -5.68 11.61
C ASP B 199 -1.68 -4.19 11.43
N ILE B 200 -0.69 -3.36 11.15
CA ILE B 200 -0.80 -1.92 10.99
C ILE B 200 -2.02 -1.59 10.12
N ALA B 201 -2.28 -2.40 9.09
CA ALA B 201 -3.46 -2.26 8.22
C ALA B 201 -4.78 -2.65 8.90
N ARG B 202 -4.75 -3.72 9.67
CA ARG B 202 -5.89 -4.15 10.47
C ARG B 202 -6.34 -3.04 11.40
N SER B 203 -5.42 -2.60 12.28
CA SER B 203 -5.69 -1.52 13.23
C SER B 203 -6.13 -0.30 12.52
N GLN B 204 -5.57 -0.05 11.33
CA GLN B 204 -5.98 1.05 10.49
C GLN B 204 -7.48 0.90 10.15
N LEU B 205 -7.86 -0.29 9.73
CA LEU B 205 -9.23 -0.60 9.28
C LEU B 205 -10.25 -0.43 10.42
N ILE B 206 -9.95 -1.06 11.55
CA ILE B 206 -10.84 -1.14 12.69
C ILE B 206 -11.03 0.24 13.28
N ASP B 207 -9.94 1.00 13.43
CA ASP B 207 -9.95 2.42 13.82
C ASP B 207 -11.00 3.17 13.01
N GLU B 208 -11.09 2.89 11.71
CA GLU B 208 -12.08 3.53 10.84
C GLU B 208 -13.50 3.01 11.06
N PHE B 209 -13.66 1.73 11.36
CA PHE B 209 -14.99 1.17 11.66
C PHE B 209 -15.52 1.60 12.99
N VAL B 210 -14.65 1.68 13.99
CA VAL B 210 -15.05 2.10 15.32
C VAL B 210 -15.40 3.57 15.27
N ASP B 211 -14.52 4.41 14.70
CA ASP B 211 -14.79 5.85 14.60
C ASP B 211 -16.09 6.14 13.85
N ARG B 212 -16.42 5.30 12.87
CA ARG B 212 -17.67 5.40 12.13
C ARG B 212 -18.86 4.81 12.93
N PHE B 213 -18.64 3.70 13.63
CA PHE B 213 -19.66 3.04 14.50
C PHE B 213 -20.11 3.94 15.65
N ASN B 214 -19.16 4.63 16.29
CA ASN B 214 -19.46 5.48 17.43
C ASN B 214 -20.19 6.70 16.98
N HIS B 215 -19.74 7.31 15.90
CA HIS B 215 -20.48 8.39 15.28
C HIS B 215 -21.90 7.93 14.86
N SER B 216 -22.03 6.72 14.31
CA SER B 216 -23.33 6.12 13.91
C SER B 216 -24.27 5.97 15.10
N VAL B 217 -23.72 5.53 16.23
CA VAL B 217 -24.53 5.29 17.42
C VAL B 217 -24.94 6.59 18.06
N GLU B 218 -24.04 7.57 18.10
CA GLU B 218 -24.34 8.86 18.70
C GLU B 218 -25.49 9.50 17.96
N ASP B 219 -25.43 9.48 16.63
CA ASP B 219 -26.47 10.04 15.78
C ASP B 219 -27.79 9.25 15.83
N LEU B 220 -27.74 7.96 16.11
CA LEU B 220 -28.96 7.12 16.28
C LEU B 220 -29.70 7.40 17.58
N LEU B 221 -28.96 7.52 18.68
CA LEU B 221 -29.55 7.78 20.00
C LEU B 221 -29.87 9.26 20.16
N GLN B 222 -30.82 9.67 19.33
CA GLN B 222 -31.34 11.02 19.26
C GLN B 222 -32.77 10.92 18.70
N GLU B 223 -32.90 10.35 17.48
CA GLU B 223 -34.20 9.93 16.91
C GLU B 223 -34.35 8.43 17.11
N ASP B 228 -35.05 7.62 12.25
CA ASP B 228 -34.78 7.80 10.83
C ASP B 228 -34.01 6.61 10.27
N ASP B 229 -34.30 6.24 9.02
CA ASP B 229 -33.78 5.03 8.38
C ASP B 229 -32.30 5.05 8.10
N ASP B 230 -31.81 6.11 7.46
CA ASP B 230 -30.40 6.25 7.12
C ASP B 230 -29.50 6.12 8.37
N ASP B 231 -29.99 6.60 9.52
CA ASP B 231 -29.33 6.39 10.83
C ASP B 231 -29.17 4.90 11.07
N ILE B 232 -30.32 4.18 11.04
CA ILE B 232 -30.43 2.79 11.43
C ILE B 232 -29.47 1.93 10.63
N TYR B 233 -29.46 2.08 9.31
CA TYR B 233 -28.54 1.36 8.45
C TYR B 233 -27.09 1.59 8.91
N ASN B 234 -26.66 2.85 9.06
CA ASN B 234 -25.28 3.21 9.50
C ASN B 234 -24.82 2.40 10.71
N VAL B 235 -25.72 2.26 11.67
CA VAL B 235 -25.47 1.53 12.89
C VAL B 235 -25.32 0.05 12.54
N LEU B 236 -26.34 -0.53 11.88
CA LEU B 236 -26.37 -1.94 11.61
C LEU B 236 -25.19 -2.31 10.75
N SER B 237 -24.94 -1.55 9.70
CA SER B 237 -23.88 -1.87 8.77
C SER B 237 -22.53 -1.87 9.51
N THR B 238 -22.24 -0.78 10.23
CA THR B 238 -20.96 -0.60 10.94
C THR B 238 -20.77 -1.61 12.05
N LEU B 239 -21.86 -1.92 12.77
CA LEU B 239 -21.86 -2.93 13.82
C LEU B 239 -21.62 -4.30 13.24
N LYS B 240 -22.36 -4.64 12.18
CA LYS B 240 -22.27 -5.93 11.50
C LYS B 240 -20.85 -6.22 11.03
N ARG B 241 -20.17 -5.21 10.49
CA ARG B 241 -18.76 -5.30 10.10
C ARG B 241 -17.85 -5.60 11.29
N LEU B 242 -18.03 -4.85 12.37
CA LEU B 242 -17.22 -4.98 13.56
C LEU B 242 -17.46 -6.33 14.20
N THR B 243 -18.73 -6.75 14.20
CA THR B 243 -19.15 -7.95 14.86
C THR B 243 -18.61 -9.20 14.18
N SER B 244 -18.76 -9.29 12.86
CA SER B 244 -18.21 -10.40 12.10
C SER B 244 -16.70 -10.47 12.35
N PHE B 245 -16.03 -9.31 12.45
CA PHE B 245 -14.60 -9.21 12.79
C PHE B 245 -14.26 -9.59 14.24
N HIS B 246 -15.12 -9.25 15.18
CA HIS B 246 -14.85 -9.45 16.61
C HIS B 246 -14.70 -10.92 17.02
N ASN B 247 -15.18 -11.83 16.19
CA ASN B 247 -15.08 -13.23 16.43
C ASN B 247 -13.65 -13.73 16.43
N ALA B 248 -12.93 -13.42 15.36
CA ALA B 248 -11.55 -13.89 15.15
C ALA B 248 -10.46 -12.88 15.57
N HIS B 249 -10.83 -11.64 15.76
CA HIS B 249 -9.92 -10.53 16.08
C HIS B 249 -10.31 -9.87 17.40
N ASP B 250 -9.44 -9.97 18.40
CA ASP B 250 -9.62 -9.32 19.71
C ASP B 250 -9.65 -7.80 19.56
N LEU B 251 -10.84 -7.27 19.53
CA LEU B 251 -11.03 -5.82 19.54
C LEU B 251 -11.40 -5.32 20.95
N THR B 252 -10.69 -5.75 21.98
CA THR B 252 -10.92 -5.27 23.34
C THR B 252 -10.27 -3.91 23.54
N LYS B 253 -9.12 -3.63 22.91
CA LYS B 253 -8.48 -2.30 22.99
C LYS B 253 -9.44 -1.18 22.50
N TRP B 254 -10.49 -1.53 21.76
CA TRP B 254 -11.57 -0.63 21.41
C TRP B 254 -12.77 -0.95 22.33
N ASP B 255 -13.42 0.07 22.87
CA ASP B 255 -14.50 -0.13 23.87
C ASP B 255 -15.86 -0.34 23.19
N LEU B 256 -16.00 -1.47 22.50
CA LEU B 256 -17.23 -1.80 21.78
C LEU B 256 -18.33 -2.20 22.75
N PHE B 257 -17.99 -2.97 23.76
CA PHE B 257 -18.98 -3.47 24.70
C PHE B 257 -19.84 -2.36 25.27
N GLY B 258 -19.20 -1.24 25.61
CA GLY B 258 -19.91 -0.12 26.16
C GLY B 258 -21.02 0.29 25.23
N ASN B 259 -20.69 0.44 23.94
CA ASN B 259 -21.68 0.90 22.98
C ASN B 259 -22.75 -0.13 22.65
N CYS B 260 -22.37 -1.37 22.57
CA CYS B 260 -23.35 -2.44 22.39
C CYS B 260 -24.25 -2.55 23.62
N TYR B 261 -23.75 -2.17 24.80
CA TYR B 261 -24.56 -2.13 26.02
C TYR B 261 -25.55 -0.99 26.00
N ARG B 262 -25.09 0.18 25.58
CA ARG B 262 -25.98 1.31 25.45
C ARG B 262 -27.17 1.00 24.50
N LEU B 263 -26.89 0.38 23.36
CA LEU B 263 -27.94 0.00 22.37
C LEU B 263 -28.95 -1.03 22.91
N LEU B 264 -28.44 -2.02 23.60
CA LEU B 264 -29.29 -3.08 24.12
C LEU B 264 -30.16 -2.60 25.28
N LYS B 265 -29.63 -1.70 26.10
CA LYS B 265 -30.42 -1.05 27.14
C LYS B 265 -31.47 -0.14 26.56
N THR B 266 -31.09 0.70 25.60
CA THR B 266 -32.05 1.57 24.94
C THR B 266 -33.20 0.78 24.26
N GLY B 267 -32.86 -0.38 23.72
CA GLY B 267 -33.84 -1.29 23.11
C GLY B 267 -34.78 -1.96 24.11
N ILE B 268 -34.29 -2.17 25.33
CA ILE B 268 -35.11 -2.74 26.43
C ILE B 268 -36.07 -1.71 27.07
N GLU B 269 -35.55 -0.53 27.43
CA GLU B 269 -36.37 0.50 28.07
C GLU B 269 -37.36 1.20 27.14
N HIS B 270 -37.36 0.87 25.84
CA HIS B 270 -38.35 1.38 24.89
C HIS B 270 -39.02 0.29 24.01
N GLY B 271 -38.23 -0.54 23.37
CA GLY B 271 -38.71 -1.47 22.35
C GLY B 271 -38.58 -0.93 20.94
N ALA B 272 -37.94 0.24 20.80
CA ALA B 272 -37.80 0.87 19.50
C ALA B 272 -36.73 0.27 18.59
N MET B 273 -35.77 -0.44 19.18
CA MET B 273 -34.54 -0.85 18.47
C MET B 273 -34.78 -2.03 17.54
N PRO B 274 -34.48 -1.88 16.23
CA PRO B 274 -34.69 -2.97 15.25
C PRO B 274 -34.06 -4.27 15.65
N GLU B 275 -34.62 -5.36 15.13
CA GLU B 275 -34.23 -6.66 15.59
C GLU B 275 -32.79 -7.02 15.27
N GLN B 276 -32.30 -6.66 14.08
CA GLN B 276 -30.95 -7.06 13.66
C GLN B 276 -29.83 -6.29 14.43
N ILE B 277 -30.04 -5.02 14.74
CA ILE B 277 -29.13 -4.25 15.60
C ILE B 277 -29.02 -4.89 16.98
N VAL B 278 -30.16 -5.33 17.49
CA VAL B 278 -30.22 -6.01 18.77
C VAL B 278 -29.55 -7.33 18.70
N VAL B 279 -29.76 -8.07 17.61
CA VAL B 279 -29.15 -9.37 17.46
C VAL B 279 -27.64 -9.19 17.43
N GLN B 280 -27.16 -8.35 16.52
CA GLN B 280 -25.70 -8.12 16.32
C GLN B 280 -25.01 -7.59 17.61
N ALA B 281 -25.69 -6.72 18.33
CA ALA B 281 -25.14 -6.11 19.55
C ALA B 281 -24.92 -7.13 20.62
N LEU B 282 -25.85 -8.08 20.71
CA LEU B 282 -25.69 -9.22 21.56
C LEU B 282 -24.45 -9.99 21.14
N GLN B 283 -24.41 -10.34 19.87
CA GLN B 283 -23.30 -11.11 19.34
C GLN B 283 -21.93 -10.40 19.54
N CYS B 284 -21.85 -9.11 19.31
CA CYS B 284 -20.58 -8.37 19.49
C CYS B 284 -20.12 -8.37 20.95
N SER B 285 -21.09 -8.13 21.84
CA SER B 285 -20.86 -8.07 23.29
C SER B 285 -20.44 -9.40 23.82
N HIS B 286 -20.99 -10.46 23.22
CA HIS B 286 -20.63 -11.79 23.58
C HIS B 286 -19.17 -12.02 23.22
N TYR B 287 -18.78 -11.68 22.00
CA TYR B 287 -17.39 -11.83 21.56
C TYR B 287 -16.42 -11.02 22.46
N SER B 288 -16.79 -9.77 22.72
CA SER B 288 -16.04 -8.87 23.63
C SER B 288 -15.71 -9.56 24.92
N ILE B 289 -16.74 -10.18 25.51
CA ILE B 289 -16.65 -10.92 26.75
C ILE B 289 -15.76 -12.13 26.59
N LEU B 290 -15.96 -12.90 25.53
CA LEU B 290 -15.12 -14.04 25.31
C LEU B 290 -13.63 -13.68 25.21
N TRP B 291 -13.32 -12.57 24.54
CA TRP B 291 -11.94 -12.10 24.40
C TRP B 291 -11.40 -11.58 25.74
N GLN B 292 -12.27 -10.98 26.55
CA GLN B 292 -11.87 -10.55 27.90
C GLN B 292 -11.50 -11.74 28.79
N LEU B 293 -12.24 -12.85 28.66
CA LEU B 293 -11.94 -14.08 29.38
C LEU B 293 -10.63 -14.69 28.95
N VAL B 294 -10.26 -14.52 27.68
CA VAL B 294 -9.01 -15.04 27.14
C VAL B 294 -7.79 -14.32 27.77
N LYS B 295 -7.83 -13.00 27.82
CA LYS B 295 -6.73 -12.17 28.40
C LYS B 295 -6.44 -12.56 29.86
N ILE B 296 -7.52 -12.90 30.56
CA ILE B 296 -7.49 -13.37 31.92
C ILE B 296 -7.08 -14.81 32.04
N THR B 297 -7.79 -15.72 31.36
CA THR B 297 -7.42 -17.12 31.37
C THR B 297 -5.96 -17.33 30.92
N ASP B 298 -5.44 -16.48 30.03
CA ASP B 298 -4.05 -16.58 29.50
C ASP B 298 -3.06 -15.45 29.92
N GLY B 299 -3.37 -14.68 30.96
CA GLY B 299 -2.38 -13.79 31.59
C GLY B 299 -2.08 -14.34 32.97
N SER B 300 -1.70 -13.47 33.90
CA SER B 300 -1.84 -13.75 35.34
C SER B 300 -2.52 -12.54 35.96
N PRO B 301 -3.84 -12.65 36.26
CA PRO B 301 -4.67 -11.50 36.56
C PRO B 301 -4.70 -11.10 38.04
N SER B 302 -5.03 -9.85 38.30
CA SER B 302 -5.24 -9.35 39.67
C SER B 302 -6.70 -9.55 40.08
N LYS B 303 -6.98 -9.47 41.38
CA LYS B 303 -8.36 -9.60 41.88
C LYS B 303 -9.23 -8.52 41.32
N GLU B 304 -8.64 -7.35 41.10
CA GLU B 304 -9.34 -6.25 40.49
C GLU B 304 -9.78 -6.55 39.06
N ASP B 305 -8.89 -7.17 38.30
CA ASP B 305 -9.17 -7.60 36.93
C ASP B 305 -10.37 -8.60 36.92
N LEU B 306 -10.34 -9.56 37.82
CA LEU B 306 -11.41 -10.55 37.89
C LEU B 306 -12.74 -9.91 38.17
N LEU B 307 -12.74 -8.89 39.03
CA LEU B 307 -14.01 -8.27 39.47
C LEU B 307 -14.60 -7.36 38.43
N VAL B 308 -13.74 -6.68 37.67
CA VAL B 308 -14.17 -5.81 36.57
C VAL B 308 -14.94 -6.58 35.46
N LEU B 309 -14.55 -7.81 35.21
CA LEU B 309 -15.24 -8.72 34.28
C LEU B 309 -16.53 -9.31 34.85
N ARG B 310 -16.48 -9.76 36.10
CA ARG B 310 -17.66 -10.30 36.79
C ARG B 310 -18.80 -9.32 36.70
N LYS B 311 -18.46 -8.04 36.85
CA LYS B 311 -19.43 -6.97 36.70
C LYS B 311 -20.08 -7.00 35.31
N THR B 312 -19.22 -6.90 34.29
CA THR B 312 -19.60 -6.93 32.88
C THR B 312 -20.48 -8.15 32.53
N VAL B 313 -20.06 -9.30 33.00
CA VAL B 313 -20.78 -10.55 32.67
C VAL B 313 -22.21 -10.50 33.22
N LYS B 314 -22.35 -10.06 34.48
CA LYS B 314 -23.68 -9.89 35.08
C LYS B 314 -24.53 -8.83 34.36
N SER B 315 -23.92 -7.70 33.99
CA SER B 315 -24.60 -6.69 33.20
C SER B 315 -25.25 -7.31 31.95
N PHE B 316 -24.44 -8.09 31.24
CA PHE B 316 -24.86 -8.76 30.02
C PHE B 316 -25.96 -9.80 30.30
N LEU B 317 -25.68 -10.74 31.18
CA LEU B 317 -26.67 -11.77 31.56
C LEU B 317 -28.03 -11.21 31.90
N ALA B 318 -28.00 -10.15 32.69
CA ALA B 318 -29.18 -9.33 32.89
C ALA B 318 -29.77 -8.89 31.56
N VAL B 319 -28.95 -8.31 30.68
CA VAL B 319 -29.44 -7.88 29.37
C VAL B 319 -30.05 -9.04 28.56
N CYS B 320 -29.40 -10.19 28.58
CA CYS B 320 -29.87 -11.35 27.80
C CYS B 320 -31.23 -11.90 28.27
N GLN B 321 -31.40 -12.00 29.59
CA GLN B 321 -32.71 -12.44 30.13
C GLN B 321 -33.80 -11.44 29.79
N GLN B 322 -33.53 -10.17 30.03
CA GLN B 322 -34.43 -9.12 29.63
C GLN B 322 -34.79 -9.25 28.14
N CYS B 323 -33.84 -9.72 27.35
CA CYS B 323 -34.05 -10.01 25.91
C CYS B 323 -34.88 -11.27 25.54
N LEU B 324 -35.05 -12.23 26.46
CA LEU B 324 -36.00 -13.34 26.21
C LEU B 324 -37.46 -12.92 26.03
N SER B 325 -37.79 -11.80 26.62
CA SER B 325 -39.10 -11.20 26.44
C SER B 325 -39.22 -10.35 25.20
N ASN B 326 -38.16 -10.18 24.40
CA ASN B 326 -38.23 -9.28 23.24
C ASN B 326 -39.22 -9.88 22.22
N VAL B 327 -39.96 -9.03 21.54
CA VAL B 327 -41.08 -9.48 20.67
C VAL B 327 -40.61 -10.29 19.46
N ASN B 328 -39.55 -9.83 18.77
CA ASN B 328 -39.06 -10.50 17.54
C ASN B 328 -38.37 -11.79 17.91
N THR B 329 -38.72 -12.87 17.19
CA THR B 329 -38.27 -14.21 17.54
C THR B 329 -36.77 -14.45 17.39
N PRO B 330 -36.13 -13.95 16.32
CA PRO B 330 -34.68 -14.06 16.27
C PRO B 330 -33.99 -13.49 17.53
N VAL B 331 -34.48 -12.37 18.02
CA VAL B 331 -33.91 -11.69 19.21
C VAL B 331 -34.00 -12.57 20.42
N LYS B 332 -35.11 -13.30 20.53
CA LYS B 332 -35.29 -14.27 21.60
C LYS B 332 -34.32 -15.41 21.48
N GLU B 333 -34.21 -15.95 20.28
CA GLU B 333 -33.40 -17.11 20.04
C GLU B 333 -31.91 -16.83 20.29
N GLN B 334 -31.43 -15.70 19.79
CA GLN B 334 -30.04 -15.26 20.02
C GLN B 334 -29.79 -15.18 21.54
N ALA B 335 -30.60 -14.38 22.22
CA ALA B 335 -30.51 -14.19 23.68
C ALA B 335 -30.44 -15.52 24.39
N PHE B 336 -31.31 -16.45 23.98
CA PHE B 336 -31.35 -17.79 24.53
C PHE B 336 -30.03 -18.49 24.28
N MET B 337 -29.63 -18.57 23.02
CA MET B 337 -28.39 -19.24 22.66
C MET B 337 -27.21 -18.71 23.50
N LEU B 338 -27.14 -17.40 23.65
CA LEU B 338 -26.01 -16.72 24.32
C LEU B 338 -25.97 -17.03 25.80
N LEU B 339 -27.15 -17.11 26.42
CA LEU B 339 -27.27 -17.51 27.83
C LEU B 339 -26.78 -18.92 28.01
N CYS B 340 -27.29 -19.84 27.18
CA CYS B 340 -26.91 -21.24 27.26
C CYS B 340 -25.41 -21.45 26.98
N ASP B 341 -24.78 -20.55 26.24
CA ASP B 341 -23.33 -20.57 26.05
C ASP B 341 -22.62 -19.90 27.26
N LEU B 342 -23.12 -18.78 27.77
CA LEU B 342 -22.47 -18.09 28.92
C LEU B 342 -22.55 -18.85 30.26
N LEU B 343 -23.70 -19.48 30.51
CA LEU B 343 -23.86 -20.31 31.70
C LEU B 343 -22.96 -21.51 31.66
N MET B 344 -22.75 -22.04 30.46
CA MET B 344 -21.79 -23.10 30.25
C MET B 344 -20.33 -22.61 30.48
N ILE B 345 -20.02 -21.37 30.11
CA ILE B 345 -18.67 -20.78 30.20
C ILE B 345 -18.25 -20.31 31.60
N PHE B 346 -19.21 -19.85 32.37
CA PHE B 346 -18.94 -19.28 33.70
C PHE B 346 -19.52 -20.19 34.81
N SER B 347 -18.96 -21.36 34.91
CA SER B 347 -19.47 -22.39 35.81
C SER B 347 -18.28 -23.00 36.45
N HIS B 348 -18.49 -24.02 37.26
CA HIS B 348 -17.37 -24.78 37.85
C HIS B 348 -16.40 -25.26 36.76
N GLN B 349 -16.92 -25.57 35.56
CA GLN B 349 -16.08 -25.98 34.42
C GLN B 349 -14.88 -25.04 34.28
N LEU B 350 -15.14 -23.77 34.42
CA LEU B 350 -14.12 -22.72 34.36
C LEU B 350 -12.94 -22.93 35.32
N MET B 351 -13.22 -23.47 36.51
CA MET B 351 -12.21 -23.60 37.57
C MET B 351 -11.30 -24.80 37.46
N THR B 352 -11.80 -25.89 36.85
CA THR B 352 -11.03 -27.11 36.82
C THR B 352 -9.70 -26.94 36.08
N GLY B 353 -8.83 -27.91 36.27
CA GLY B 353 -7.48 -27.88 35.73
C GLY B 353 -6.57 -26.86 36.42
N GLY B 354 -6.70 -26.76 37.75
CA GLY B 354 -5.85 -25.85 38.57
C GLY B 354 -6.07 -24.39 38.36
N ARG B 355 -7.30 -24.01 38.01
CA ARG B 355 -7.68 -22.62 37.79
C ARG B 355 -8.66 -22.16 38.85
N GLU B 356 -8.33 -22.44 40.11
CA GLU B 356 -9.17 -22.13 41.26
C GLU B 356 -9.23 -20.62 41.46
N GLY B 357 -8.17 -19.91 41.09
CA GLY B 357 -8.10 -18.47 41.21
C GLY B 357 -9.25 -17.70 40.63
N LEU B 358 -9.99 -18.30 39.67
CA LEU B 358 -11.12 -17.67 38.99
C LEU B 358 -12.49 -17.99 39.62
N GLN B 359 -12.50 -18.32 40.90
CA GLN B 359 -13.76 -18.50 41.65
C GLN B 359 -14.74 -17.34 41.43
N PRO B 360 -14.26 -16.06 41.51
CA PRO B 360 -15.19 -14.94 41.42
C PRO B 360 -15.96 -14.78 40.11
N LEU B 361 -15.49 -15.39 39.02
CA LEU B 361 -16.17 -15.35 37.71
C LEU B 361 -17.29 -16.38 37.52
N VAL B 362 -17.47 -17.28 38.49
CA VAL B 362 -18.50 -18.32 38.37
C VAL B 362 -19.89 -17.69 38.53
N PHE B 363 -20.89 -18.26 37.84
CA PHE B 363 -22.30 -17.88 37.95
C PHE B 363 -23.13 -19.14 38.02
N ASN B 364 -23.86 -19.32 39.11
CA ASN B 364 -24.93 -20.32 39.16
C ASN B 364 -26.21 -19.56 38.85
N PRO B 365 -27.04 -20.04 37.89
CA PRO B 365 -28.24 -19.30 37.56
C PRO B 365 -29.28 -19.40 38.67
N ASP B 366 -30.00 -18.33 38.89
CA ASP B 366 -31.10 -18.34 39.88
C ASP B 366 -32.31 -19.15 39.37
N THR B 367 -33.24 -19.43 40.28
CA THR B 367 -34.51 -20.10 39.97
C THR B 367 -35.40 -19.36 38.99
N GLY B 368 -35.34 -18.04 39.02
CA GLY B 368 -36.09 -17.23 38.08
C GLY B 368 -35.62 -17.42 36.66
N LEU B 369 -34.31 -17.56 36.49
CA LEU B 369 -33.70 -17.78 35.18
C LEU B 369 -34.01 -19.17 34.62
N GLN B 370 -33.69 -20.20 35.39
CA GLN B 370 -33.96 -21.58 34.96
C GLN B 370 -35.41 -21.79 34.51
N SER B 371 -36.33 -21.24 35.27
CA SER B 371 -37.75 -21.27 34.91
C SER B 371 -38.04 -20.55 33.60
N GLU B 372 -37.34 -19.43 33.37
CA GLU B 372 -37.51 -18.66 32.14
C GLU B 372 -36.86 -19.30 30.91
N LEU B 373 -35.74 -19.97 31.12
CA LEU B 373 -35.10 -20.77 30.08
C LEU B 373 -35.93 -22.00 29.68
N LEU B 374 -36.38 -22.73 30.69
CA LEU B 374 -37.39 -23.79 30.53
C LEU B 374 -38.62 -23.38 29.69
N SER B 375 -39.23 -22.28 30.08
CA SER B 375 -40.41 -21.74 29.40
C SER B 375 -40.22 -21.43 27.90
N PHE B 376 -38.98 -21.06 27.56
CA PHE B 376 -38.60 -20.79 26.17
C PHE B 376 -38.50 -22.05 25.34
N VAL B 377 -38.01 -23.10 25.96
CA VAL B 377 -37.91 -24.39 25.30
C VAL B 377 -39.33 -24.95 24.98
N MET B 378 -40.21 -24.96 25.99
CA MET B 378 -41.61 -25.42 25.81
C MET B 378 -42.36 -24.62 24.77
N ASP B 379 -42.03 -23.35 24.69
CA ASP B 379 -42.65 -22.46 23.73
C ASP B 379 -42.12 -22.59 22.29
N HIS B 380 -40.81 -22.76 22.12
CA HIS B 380 -40.16 -22.71 20.77
C HIS B 380 -39.64 -24.02 20.22
N VAL B 381 -39.49 -25.02 21.07
CA VAL B 381 -39.02 -26.30 20.64
C VAL B 381 -40.17 -27.30 20.37
N PHE B 382 -41.20 -27.32 21.23
CA PHE B 382 -42.29 -28.33 21.15
C PHE B 382 -43.63 -27.79 20.61
N ILE B 383 -43.95 -28.10 19.33
CA ILE B 383 -45.04 -27.46 18.54
C ILE B 383 -45.91 -28.47 17.70
N ASP B 384 -46.97 -28.00 17.03
CA ASP B 384 -47.78 -28.79 16.07
C ASP B 384 -46.96 -29.55 15.05
N ASP B 398 -43.33 -26.38 -0.22
CA ASP B 398 -41.90 -26.62 -0.20
C ASP B 398 -41.49 -27.46 1.00
N GLU B 399 -41.21 -28.72 0.74
CA GLU B 399 -40.74 -29.66 1.76
C GLU B 399 -39.25 -29.49 2.14
N ALA B 400 -38.53 -28.58 1.48
CA ALA B 400 -37.14 -28.20 1.87
C ALA B 400 -37.04 -26.99 2.83
N ASN B 401 -38.17 -26.37 3.15
CA ASN B 401 -38.20 -25.24 4.10
C ASN B 401 -38.58 -25.63 5.53
N LYS B 402 -39.19 -26.81 5.69
CA LYS B 402 -39.53 -27.30 7.02
C LYS B 402 -38.34 -27.97 7.70
N ILE B 403 -37.38 -28.43 6.91
CA ILE B 403 -36.11 -28.93 7.43
C ILE B 403 -35.15 -27.76 7.74
N GLU B 404 -35.44 -26.59 7.21
CA GLU B 404 -34.79 -25.35 7.65
C GLU B 404 -34.99 -25.19 9.16
N ALA B 405 -36.25 -24.99 9.56
CA ALA B 405 -36.58 -24.66 10.96
C ALA B 405 -36.40 -25.78 11.98
N LEU B 406 -36.30 -27.03 11.51
CA LEU B 406 -36.10 -28.15 12.41
C LEU B 406 -34.71 -28.13 13.01
N HIS B 407 -33.68 -28.02 12.16
CA HIS B 407 -32.28 -27.96 12.62
C HIS B 407 -31.98 -26.76 13.52
N LYS B 408 -32.75 -25.71 13.35
CA LYS B 408 -32.70 -24.57 14.27
C LYS B 408 -33.27 -24.95 15.64
N ARG B 409 -34.44 -25.59 15.65
CA ARG B 409 -35.07 -26.01 16.91
C ARG B 409 -34.18 -26.97 17.65
N ARG B 410 -33.71 -27.96 16.91
CA ARG B 410 -32.80 -28.95 17.46
C ARG B 410 -31.55 -28.35 18.13
N ASN B 411 -31.07 -27.23 17.61
CA ASN B 411 -29.93 -26.47 18.21
C ASN B 411 -30.27 -25.72 19.50
N LEU B 412 -31.49 -25.17 19.56
CA LEU B 412 -31.95 -24.52 20.79
C LEU B 412 -32.01 -25.55 21.91
N LEU B 413 -32.59 -26.70 21.58
CA LEU B 413 -32.72 -27.80 22.52
C LEU B 413 -31.37 -28.29 23.02
N ALA B 414 -30.47 -28.59 22.08
CA ALA B 414 -29.16 -29.11 22.47
C ALA B 414 -28.33 -28.10 23.28
N ALA B 415 -28.64 -26.83 23.18
CA ALA B 415 -28.00 -25.80 24.00
C ALA B 415 -28.48 -25.86 25.43
N PHE B 416 -29.79 -25.98 25.63
CA PHE B 416 -30.39 -26.17 26.96
C PHE B 416 -30.03 -27.52 27.56
N SER B 417 -30.08 -28.57 26.74
CA SER B 417 -29.67 -29.90 27.15
C SER B 417 -28.27 -29.95 27.73
N LYS B 418 -27.34 -29.19 27.14
CA LYS B 418 -25.95 -29.17 27.61
C LYS B 418 -25.85 -28.66 29.05
N LEU B 419 -26.72 -27.74 29.43
CA LEU B 419 -26.77 -27.23 30.82
C LEU B 419 -27.14 -28.34 31.81
N ILE B 420 -28.05 -29.21 31.38
CA ILE B 420 -28.56 -30.31 32.20
C ILE B 420 -27.51 -31.39 32.40
N ILE B 421 -26.80 -31.77 31.35
CA ILE B 421 -25.74 -32.75 31.49
C ILE B 421 -24.64 -32.22 32.42
N TYR B 422 -24.30 -30.93 32.35
CA TYR B 422 -23.17 -30.35 33.12
C TYR B 422 -23.56 -29.80 34.54
N ASP B 423 -24.73 -30.19 35.06
CA ASP B 423 -25.14 -29.93 36.45
C ASP B 423 -25.36 -28.47 36.73
N ILE B 424 -25.99 -27.79 35.78
CA ILE B 424 -26.12 -26.34 35.85
C ILE B 424 -27.56 -25.94 36.13
N VAL B 425 -28.51 -26.55 35.40
CA VAL B 425 -29.92 -26.36 35.61
C VAL B 425 -30.49 -27.63 36.21
N ASP B 426 -31.49 -27.52 37.07
CA ASP B 426 -32.06 -28.66 37.78
C ASP B 426 -32.93 -29.50 36.84
N MET B 427 -32.77 -30.80 36.88
CA MET B 427 -33.53 -31.69 35.98
C MET B 427 -35.00 -31.93 36.37
N HIS B 428 -35.32 -31.78 37.66
CA HIS B 428 -36.72 -31.90 38.19
C HIS B 428 -37.52 -30.67 37.80
N ALA B 429 -36.89 -29.50 37.89
CA ALA B 429 -37.45 -28.30 37.33
C ALA B 429 -37.53 -28.42 35.80
N ALA B 430 -36.51 -29.01 35.21
CA ALA B 430 -36.42 -29.22 33.75
C ALA B 430 -37.08 -30.51 33.18
N ALA B 431 -37.94 -31.16 33.96
CA ALA B 431 -38.69 -32.32 33.47
C ALA B 431 -39.83 -31.98 32.51
N ASP B 432 -40.22 -30.72 32.46
CA ASP B 432 -41.25 -30.26 31.49
C ASP B 432 -41.04 -30.64 29.99
N ILE B 433 -39.80 -30.89 29.57
CA ILE B 433 -39.47 -31.28 28.16
C ILE B 433 -39.73 -32.75 27.76
N PHE B 434 -39.40 -33.66 28.69
CA PHE B 434 -39.52 -35.12 28.49
C PHE B 434 -40.98 -35.61 28.52
N LYS B 435 -41.86 -34.83 29.13
CA LYS B 435 -43.34 -34.99 29.04
C LYS B 435 -43.81 -35.37 27.63
N HIS B 436 -43.29 -34.67 26.62
CA HIS B 436 -43.44 -35.05 25.21
C HIS B 436 -42.08 -35.56 24.67
N TYR B 437 -41.60 -36.67 25.23
CA TYR B 437 -40.37 -37.35 24.72
C TYR B 437 -40.72 -38.31 23.59
N MET B 438 -41.75 -39.13 23.79
CA MET B 438 -42.23 -40.03 22.75
C MET B 438 -42.87 -39.25 21.60
N LYS B 439 -43.75 -38.33 21.93
CA LYS B 439 -44.51 -37.57 20.90
C LYS B 439 -43.61 -36.99 19.81
N TYR B 440 -42.41 -36.53 20.20
CA TYR B 440 -41.44 -35.96 19.28
C TYR B 440 -40.16 -36.79 19.19
N TYR B 441 -40.28 -38.11 19.21
CA TYR B 441 -39.09 -38.93 19.08
C TYR B 441 -38.42 -38.79 17.68
N ASN B 442 -39.23 -38.59 16.64
CA ASN B 442 -38.72 -38.30 15.29
C ASN B 442 -37.89 -37.01 15.29
N ASP B 443 -38.47 -35.92 15.74
CA ASP B 443 -37.82 -34.61 15.67
C ASP B 443 -36.63 -34.41 16.63
N TYR B 444 -36.79 -34.83 17.90
CA TYR B 444 -35.79 -34.57 18.97
C TYR B 444 -35.21 -35.77 19.70
N GLY B 445 -35.87 -36.92 19.54
CA GLY B 445 -35.55 -38.12 20.29
C GLY B 445 -34.09 -38.38 20.62
N ASP B 446 -33.20 -38.28 19.63
CA ASP B 446 -31.78 -38.51 19.88
C ASP B 446 -31.19 -37.48 20.89
N ILE B 447 -31.63 -36.24 20.80
CA ILE B 447 -31.21 -35.18 21.72
C ILE B 447 -31.70 -35.49 23.12
N ILE B 448 -32.99 -35.78 23.25
CA ILE B 448 -33.57 -36.03 24.57
C ILE B 448 -32.98 -37.30 25.16
N LYS B 449 -33.12 -38.41 24.44
CA LYS B 449 -32.63 -39.69 24.96
C LYS B 449 -31.14 -39.63 25.38
N GLU B 450 -30.29 -38.82 24.74
CA GLU B 450 -28.88 -38.60 25.19
C GLU B 450 -28.74 -37.76 26.47
N THR B 451 -29.70 -36.90 26.72
CA THR B 451 -29.77 -36.13 27.99
C THR B 451 -30.12 -37.05 29.14
N LEU B 452 -31.24 -37.78 28.96
CA LEU B 452 -31.72 -38.74 29.97
C LEU B 452 -30.75 -39.88 30.15
N SER B 453 -30.02 -40.23 29.10
CA SER B 453 -29.02 -41.27 29.20
C SER B 453 -27.89 -40.87 30.15
N LYS B 454 -27.24 -39.73 29.90
CA LYS B 454 -25.99 -39.37 30.61
C LYS B 454 -26.16 -38.93 32.09
N THR B 455 -27.18 -38.15 32.39
CA THR B 455 -27.41 -37.72 33.78
C THR B 455 -28.13 -38.82 34.58
#